data_7TYO
#
_entry.id   7TYO
#
_cell.length_a   1.00
_cell.length_b   1.00
_cell.length_c   1.00
_cell.angle_alpha   90.00
_cell.angle_beta   90.00
_cell.angle_gamma   90.00
#
_symmetry.space_group_name_H-M   'P 1'
#
loop_
_entity.id
_entity.type
_entity.pdbx_description
1 polymer 'Guanine nucleotide-binding protein G(s) subunit alpha isoforms short'
2 polymer 'Guanine nucleotide-binding protein G(I)/G(S)/G(T) subunit beta-1'
3 polymer 'Guanine nucleotide-binding protein G(I)/G(S)/G(O) subunit gamma-2'
4 polymer 'Nanobody 35'
5 polymer Calcitonin
6 polymer 'Calcitonin receptor'
7 non-polymer 2-acetamido-2-deoxy-beta-D-glucopyranose
8 non-polymer 'CHOLESTEROL HEMISUCCINATE'
#
loop_
_entity_poly.entity_id
_entity_poly.type
_entity_poly.pdbx_seq_one_letter_code
_entity_poly.pdbx_strand_id
1 'polypeptide(L)'
;MGCLGNSKTEDQRNEEKAQREANKKIEKQLQKDKQVYRATHRLLLLGAGESGKNTIVKQMRILHVNGFNGEGGEEDPQAA
RSNSDGEKATKVQDIKNNLKEAIETIVAAMSNLVPPVELANPENQFRVDYILSVMNVPDFDFPPEFYEHAKALWEDEGVR
ACYERSNEYQLIDCAQYFLDKIDVIKQADYVPSDQDLLRCRVLTSGIFETKFQVDKVNFHMFDVGAQRDERRKWIQCFND
VTAIIFVVASSSYNMVIREDNQTNRLQAALKLFDSIWNNKWLRDTSVILFLNKQDLLAEKVLAGKSKIEDYFPEFARYTT
PEDATPEPGEDPRVTRAKYFIRDEFLRISTASGDGRHYCYPHFTCSVDTENIRRVFNDCRDIIQRMHLRQYELL
;
A
2 'polypeptide(L)'
;MHHHHHHGSSGSELDQLRQEAEQLKNQIRDARKACADATLSQITNNIDPVGRIQMRTRRTLRGHLAKIYAMHWGTDSRLL
VSASQDGKLIIWDSYTTNKVHAIPLRSSWVMTCAYAPSGNYVACGGLDNICSIYNLKTREGNVRVSRELAGHTGYLSCCR
FLDDNQIVTSSGDTTCALWDIETGQQTTTFTGHTGDVMSLSLAPDTRLFVSGACDASAKLWDVREGMCRQTFTGHESDIN
AICFFPNGNAFATGSDDATCRLFDLRADQELMTYSHDNIICGITSVSFSKSGRLLLAGYDDFNCNVWDALKADRAGVLAG
HDNRVSCLGVTDDGMAVATGSWDSFLKIWN
;
B
3 'polypeptide(L)' MASNNTASIAQARKLVEQLKMEANIDRIKVSKAAADLMAYCEAHAKEDPLLTPVPASENPFREKKFFCAIL G
4 'polypeptide(L)'
;QVQLQESGGGLVQPGGSLRLSCAASGFTFSNYKMNWVRQAPGKGLEWVSDISQSGASISYTGSVKGRFTISRDNAKNTLY
LQMNSLKPEDTAVYYCARCPAPFTRDCFDVTSTTYAYRGQGTQVTVSSHHHHHHEPEA
;
N
5 'polypeptide(L)' CGNLSTCMLGTYTQDFNKFHTFPQTAIGVGAP(NH2) P
6 'polypeptide(L)'
;MKTIIALSYIFCLVFADYKDDDDLEVLFQGPAAFSNQTYPTIEPKPFLYVVGRKKMMDAQYKCYDRMQQLPAYQGEGPYC
NRTWDGWLCWDDTPAGVLSYQFCPDYFPDFDPSEKVTKYCDEKGVWFKHPENNRTWSNYTMCNAFTPEKLKNAYVLYYLA
IVGHSLSIFTLVISLGIFVFFRSLGCQRVTLHKNMFLTYILNSMIIIIHLVEVVPNGELVRRDPVSCKILHFFHQYMMAC
NYFWMLCEGIYLHTLIVVAVFTEKQRLRWYYLLGWGFPLVPTTIHAITRAVYFNDNCWLSVETHLLYIIHGPVMAALVVN
FFFLLNIVRVLVTKMRETHEAESHMYLKAVKATMILVPLLGIQFVVFPWRPSNKMLGKIYDYVMHSLIHFQGFFVATIYC
FCNNEVQTTVKRQWAQFKIQWNQRWGRRPSNRSARAAAAAAEAGDIPIYICHQELRNEPANNQGEESAEIIPLNIIEQES
SAPAGLEVLFQGPHHHHHHHH
;
R
#
# COMPACT_ATOMS: atom_id res chain seq x y z
N ASP A 11 -4.69 37.17 26.02
CA ASP A 11 -3.25 37.32 25.97
C ASP A 11 -2.63 36.31 25.01
N GLN A 12 -1.74 35.47 25.56
CA GLN A 12 -1.08 34.44 24.77
C GLN A 12 -1.86 33.14 24.71
N ARG A 13 -2.68 32.87 25.72
CA ARG A 13 -3.47 31.63 25.70
C ARG A 13 -4.64 31.73 24.73
N ASN A 14 -5.17 32.95 24.52
CA ASN A 14 -6.20 33.12 23.50
C ASN A 14 -5.62 32.91 22.11
N GLU A 15 -4.39 33.38 21.88
CA GLU A 15 -3.71 33.09 20.62
C GLU A 15 -3.49 31.59 20.46
N GLU A 16 -3.21 30.90 21.56
CA GLU A 16 -3.09 29.44 21.50
C GLU A 16 -4.43 28.79 21.23
N LYS A 17 -5.49 29.28 21.88
CA LYS A 17 -6.82 28.73 21.65
C LYS A 17 -7.31 29.03 20.23
N ALA A 18 -6.95 30.20 19.70
CA ALA A 18 -7.33 30.55 18.33
C ALA A 18 -6.78 29.54 17.34
N GLN A 19 -5.52 29.11 17.51
CA GLN A 19 -4.96 28.09 16.65
C GLN A 19 -5.62 26.73 16.92
N ARG A 20 -6.05 26.49 18.16
CA ARG A 20 -6.66 25.20 18.50
C ARG A 20 -8.05 25.08 17.88
N GLU A 21 -8.79 26.17 17.80
CA GLU A 21 -10.15 26.12 17.26
C GLU A 21 -10.17 26.29 15.74
N ALA A 22 -9.29 27.12 15.20
CA ALA A 22 -9.18 27.23 13.74
C ALA A 22 -8.72 25.92 13.13
N ASN A 23 -7.85 25.20 13.84
CA ASN A 23 -7.45 23.87 13.38
C ASN A 23 -8.61 22.88 13.43
N LYS A 24 -9.51 23.04 14.42
CA LYS A 24 -10.66 22.16 14.50
C LYS A 24 -11.63 22.40 13.34
N LYS A 25 -11.81 23.66 12.95
CA LYS A 25 -12.67 23.96 11.80
C LYS A 25 -12.07 23.42 10.51
N ILE A 26 -10.75 23.51 10.37
CA ILE A 26 -10.08 22.93 9.20
C ILE A 26 -10.23 21.41 9.21
N GLU A 27 -10.04 20.79 10.39
CA GLU A 27 -10.23 19.35 10.50
C GLU A 27 -11.66 18.93 10.18
N LYS A 28 -12.63 19.82 10.36
CA LYS A 28 -14.01 19.51 10.01
C LYS A 28 -14.20 19.44 8.50
N GLN A 29 -13.69 20.45 7.78
CA GLN A 29 -13.80 20.45 6.33
C GLN A 29 -12.89 19.40 5.71
N LEU A 30 -11.79 19.05 6.37
CA LEU A 30 -10.92 17.99 5.86
C LEU A 30 -11.59 16.63 5.92
N GLN A 31 -12.55 16.45 6.85
CA GLN A 31 -13.27 15.19 6.91
C GLN A 31 -14.32 15.09 5.81
N LYS A 32 -15.00 16.20 5.52
CA LYS A 32 -15.95 16.22 4.40
C LYS A 32 -15.24 15.96 3.08
N ASP A 33 -14.11 16.64 2.86
CA ASP A 33 -13.33 16.41 1.65
C ASP A 33 -12.75 15.01 1.59
N LYS A 34 -12.58 14.36 2.75
CA LYS A 34 -12.16 12.96 2.75
C LYS A 34 -13.30 12.05 2.34
N GLN A 35 -14.55 12.48 2.56
CA GLN A 35 -15.70 11.68 2.15
C GLN A 35 -15.79 11.60 0.63
N VAL A 36 -15.55 12.71 -0.06
CA VAL A 36 -15.66 12.72 -1.51
C VAL A 36 -14.40 12.16 -2.17
N TYR A 37 -13.25 12.30 -1.52
CA TYR A 37 -12.01 11.80 -2.12
C TYR A 37 -11.98 10.28 -2.14
N ARG A 38 -12.51 9.63 -1.10
CA ARG A 38 -12.55 8.18 -1.06
C ARG A 38 -13.71 7.61 -1.85
N ALA A 39 -14.73 8.41 -2.14
CA ALA A 39 -15.89 7.96 -2.90
C ALA A 39 -15.74 8.22 -4.40
N THR A 40 -14.53 8.51 -4.86
CA THR A 40 -14.27 8.73 -6.27
C THR A 40 -13.08 7.88 -6.71
N HIS A 41 -13.06 7.52 -7.99
CA HIS A 41 -12.00 6.71 -8.57
C HIS A 41 -11.29 7.50 -9.64
N ARG A 42 -10.01 7.75 -9.43
CA ARG A 42 -9.21 8.51 -10.38
C ARG A 42 -8.69 7.59 -11.49
N LEU A 43 -8.78 8.07 -12.73
CA LEU A 43 -8.36 7.31 -13.90
C LEU A 43 -7.42 8.16 -14.74
N LEU A 44 -6.35 7.54 -15.24
CA LEU A 44 -5.42 8.19 -16.13
C LEU A 44 -5.61 7.65 -17.55
N LEU A 45 -5.97 8.52 -18.47
CA LEU A 45 -6.15 8.14 -19.87
C LEU A 45 -4.84 8.38 -20.61
N LEU A 46 -4.17 7.30 -20.98
CA LEU A 46 -2.91 7.36 -21.71
C LEU A 46 -3.10 6.75 -23.09
N GLY A 47 -2.97 7.57 -24.13
CA GLY A 47 -3.12 7.10 -25.49
C GLY A 47 -1.83 7.18 -26.27
N ALA A 48 -1.94 7.44 -27.57
CA ALA A 48 -0.79 7.58 -28.45
C ALA A 48 -1.16 8.56 -29.56
N GLY A 49 -0.25 8.74 -30.51
CA GLY A 49 -0.49 9.61 -31.64
C GLY A 49 -1.55 9.07 -32.57
N GLU A 50 -2.71 9.74 -32.63
CA GLU A 50 -3.84 9.31 -33.45
C GLU A 50 -4.30 7.90 -33.05
N SER A 51 -4.32 7.63 -31.75
CA SER A 51 -4.73 6.33 -31.23
C SER A 51 -6.24 6.20 -31.06
N GLY A 52 -6.98 7.30 -31.17
CA GLY A 52 -8.41 7.27 -31.00
C GLY A 52 -8.89 7.42 -29.57
N LYS A 53 -8.09 8.04 -28.70
CA LYS A 53 -8.50 8.26 -27.32
C LYS A 53 -9.40 9.47 -27.15
N ASN A 54 -9.56 10.29 -28.19
CA ASN A 54 -10.47 11.43 -28.09
C ASN A 54 -11.92 10.97 -28.11
N THR A 55 -12.24 9.96 -28.92
CA THR A 55 -13.59 9.41 -28.94
C THR A 55 -13.90 8.71 -27.61
N ILE A 56 -12.90 8.17 -26.93
CA ILE A 56 -13.11 7.60 -25.60
C ILE A 56 -13.58 8.67 -24.63
N VAL A 57 -13.02 9.88 -24.74
CA VAL A 57 -13.50 11.00 -23.94
C VAL A 57 -14.90 11.39 -24.38
N LYS A 58 -15.18 11.32 -25.69
CA LYS A 58 -16.49 11.67 -26.22
C LYS A 58 -17.59 10.72 -25.74
N GLN A 59 -17.24 9.59 -25.15
CA GLN A 59 -18.24 8.65 -24.62
C GLN A 59 -19.00 9.21 -23.42
N MET A 60 -18.57 10.35 -22.86
CA MET A 60 -19.21 10.98 -21.72
C MET A 60 -19.29 10.02 -20.53
N THR A 204 -2.14 25.09 -24.37
CA THR A 204 -3.36 25.34 -23.62
C THR A 204 -3.34 24.64 -22.28
N SER A 205 -4.41 23.91 -21.97
CA SER A 205 -4.52 23.21 -20.70
C SER A 205 -3.50 22.09 -20.62
N GLY A 206 -2.81 22.00 -19.48
CA GLY A 206 -1.85 20.93 -19.26
C GLY A 206 -2.46 19.59 -18.91
N ILE A 207 -3.73 19.57 -18.52
CA ILE A 207 -4.44 18.33 -18.21
C ILE A 207 -5.94 18.63 -18.26
N PHE A 208 -6.70 17.71 -18.85
CA PHE A 208 -8.13 17.87 -19.03
C PHE A 208 -8.89 17.05 -18.00
N GLU A 209 -10.18 17.37 -17.86
CA GLU A 209 -11.05 16.72 -16.90
C GLU A 209 -12.30 16.20 -17.59
N THR A 210 -12.83 15.10 -17.08
CA THR A 210 -14.06 14.51 -17.60
C THR A 210 -14.70 13.74 -16.46
N LYS A 211 -15.77 14.30 -15.88
CA LYS A 211 -16.46 13.70 -14.74
C LYS A 211 -17.72 13.00 -15.21
N PHE A 212 -17.85 11.72 -14.87
CA PHE A 212 -19.04 10.96 -15.19
C PHE A 212 -19.37 10.05 -14.02
N GLN A 213 -20.65 9.66 -13.93
CA GLN A 213 -21.16 8.85 -12.83
C GLN A 213 -21.91 7.66 -13.41
N VAL A 214 -21.48 6.46 -13.04
CA VAL A 214 -22.09 5.22 -13.51
C VAL A 214 -22.58 4.45 -12.28
N ASP A 215 -23.87 4.11 -12.27
CA ASP A 215 -24.50 3.40 -11.16
C ASP A 215 -24.26 4.12 -9.84
N LYS A 216 -24.45 5.44 -9.87
CA LYS A 216 -24.29 6.30 -8.70
C LYS A 216 -22.89 6.22 -8.10
N VAL A 217 -21.90 5.96 -8.94
CA VAL A 217 -20.49 5.94 -8.54
C VAL A 217 -19.76 6.98 -9.38
N ASN A 218 -18.99 7.84 -8.71
CA ASN A 218 -18.32 8.94 -9.37
C ASN A 218 -16.94 8.52 -9.86
N PHE A 219 -16.64 8.83 -11.11
CA PHE A 219 -15.35 8.55 -11.71
C PHE A 219 -14.69 9.85 -12.15
N HIS A 220 -13.36 9.88 -12.08
CA HIS A 220 -12.57 11.07 -12.40
C HIS A 220 -11.45 10.65 -13.36
N MET A 221 -11.62 10.95 -14.65
CA MET A 221 -10.65 10.62 -15.66
C MET A 221 -9.80 11.84 -16.01
N PHE A 222 -8.49 11.64 -16.12
CA PHE A 222 -7.55 12.71 -16.38
C PHE A 222 -6.85 12.46 -17.71
N ASP A 223 -6.95 13.41 -18.63
CA ASP A 223 -6.34 13.34 -19.93
C ASP A 223 -5.12 14.25 -19.97
N VAL A 224 -4.00 13.71 -20.47
CA VAL A 224 -2.77 14.50 -20.52
C VAL A 224 -2.86 15.53 -21.63
N GLY A 225 -2.61 16.79 -21.28
CA GLY A 225 -2.69 17.86 -22.25
C GLY A 225 -1.34 18.26 -22.81
N ALA A 226 -0.90 19.48 -22.49
CA ALA A 226 0.37 19.98 -23.01
C ALA A 226 1.57 19.49 -22.25
N GLN A 227 1.91 18.21 -22.42
CA GLN A 227 3.09 17.61 -21.80
C GLN A 227 3.99 17.02 -22.87
N ARG A 228 5.30 17.10 -22.64
CA ARG A 228 6.27 16.59 -23.59
C ARG A 228 6.24 15.05 -23.61
N ASP A 229 6.87 14.48 -24.64
CA ASP A 229 6.92 13.03 -24.79
C ASP A 229 7.78 12.36 -23.73
N GLU A 230 8.56 13.12 -22.96
CA GLU A 230 9.34 12.57 -21.87
C GLU A 230 8.43 12.36 -20.67
N ARG A 231 8.08 11.10 -20.40
CA ARG A 231 7.09 10.78 -19.39
C ARG A 231 7.68 10.25 -18.08
N ARG A 232 9.00 10.06 -18.01
CA ARG A 232 9.59 9.37 -16.87
C ARG A 232 9.46 10.14 -15.56
N LYS A 233 8.99 11.39 -15.59
CA LYS A 233 8.85 12.19 -14.39
C LYS A 233 7.41 12.43 -13.99
N TRP A 234 6.56 12.89 -14.91
CA TRP A 234 5.18 13.18 -14.55
C TRP A 234 4.29 11.94 -14.50
N ILE A 235 4.81 10.77 -14.88
CA ILE A 235 4.03 9.54 -14.75
C ILE A 235 3.96 9.07 -13.31
N GLN A 236 4.90 9.52 -12.47
CA GLN A 236 4.89 9.12 -11.07
C GLN A 236 3.73 9.73 -10.29
N CYS A 237 3.12 10.79 -10.81
CA CYS A 237 2.00 11.42 -10.13
C CYS A 237 0.77 10.53 -10.09
N PHE A 238 0.68 9.54 -10.97
CA PHE A 238 -0.49 8.67 -11.07
C PHE A 238 -0.23 7.28 -10.50
N ASN A 239 0.57 7.19 -9.45
CA ASN A 239 0.82 5.93 -8.77
C ASN A 239 -0.24 5.58 -7.74
N ASP A 240 -1.32 6.36 -7.67
CA ASP A 240 -2.41 6.10 -6.75
C ASP A 240 -3.77 6.01 -7.43
N VAL A 241 -3.83 6.14 -8.75
CA VAL A 241 -5.11 6.07 -9.45
C VAL A 241 -5.68 4.65 -9.38
N THR A 242 -6.98 4.55 -9.60
CA THR A 242 -7.64 3.25 -9.62
C THR A 242 -7.12 2.39 -10.77
N ALA A 243 -7.07 2.97 -11.97
CA ALA A 243 -6.61 2.23 -13.14
C ALA A 243 -6.13 3.22 -14.20
N ILE A 244 -5.15 2.79 -14.98
CA ILE A 244 -4.66 3.54 -16.12
C ILE A 244 -5.37 3.03 -17.37
N ILE A 245 -6.15 3.89 -18.02
CA ILE A 245 -6.85 3.53 -19.25
C ILE A 245 -5.88 3.73 -20.41
N PHE A 246 -5.38 2.63 -20.95
CA PHE A 246 -4.42 2.65 -22.04
C PHE A 246 -5.16 2.36 -23.35
N VAL A 247 -5.02 3.27 -24.31
CA VAL A 247 -5.70 3.16 -25.61
C VAL A 247 -4.64 2.93 -26.68
N VAL A 248 -4.87 1.91 -27.51
CA VAL A 248 -3.96 1.56 -28.61
C VAL A 248 -4.77 1.51 -29.90
N ALA A 249 -4.13 1.94 -30.98
CA ALA A 249 -4.75 1.92 -32.31
C ALA A 249 -4.30 0.66 -33.04
N SER A 250 -5.26 -0.14 -33.48
CA SER A 250 -4.97 -1.37 -34.20
C SER A 250 -5.44 -1.28 -35.65
N ASN A 264 7.42 0.92 -37.19
CA ASN A 264 6.51 0.09 -36.40
C ASN A 264 5.87 0.91 -35.29
N ARG A 265 4.62 1.30 -35.49
CA ARG A 265 3.91 2.09 -34.48
C ARG A 265 3.39 1.22 -33.35
N LEU A 266 2.89 0.03 -33.68
CA LEU A 266 2.34 -0.86 -32.66
C LEU A 266 3.41 -1.33 -31.68
N GLN A 267 4.66 -1.42 -32.13
CA GLN A 267 5.75 -1.80 -31.21
C GLN A 267 6.04 -0.68 -30.21
N ALA A 268 5.76 0.58 -30.58
CA ALA A 268 5.98 1.67 -29.65
C ALA A 268 5.01 1.62 -28.48
N ALA A 269 3.74 1.28 -28.76
CA ALA A 269 2.77 1.12 -27.69
C ALA A 269 3.11 -0.05 -26.79
N LEU A 270 3.78 -1.08 -27.34
CA LEU A 270 4.19 -2.21 -26.51
C LEU A 270 5.34 -1.82 -25.59
N LYS A 271 6.21 -0.95 -26.08
CA LYS A 271 7.39 -0.49 -25.29
C LYS A 271 6.91 0.46 -24.20
N LEU A 272 5.90 1.28 -24.52
CA LEU A 272 5.34 2.18 -23.53
C LEU A 272 4.57 1.42 -22.46
N PHE A 273 3.79 0.41 -22.87
CA PHE A 273 3.08 -0.41 -21.89
C PHE A 273 4.05 -1.17 -21.00
N ASP A 274 5.14 -1.64 -21.57
CA ASP A 274 6.15 -2.38 -20.78
C ASP A 274 6.70 -1.48 -19.66
N SER A 275 7.22 -0.29 -19.99
CA SER A 275 7.85 0.56 -18.99
C SER A 275 6.84 1.01 -17.92
N ILE A 276 5.59 1.23 -18.31
CA ILE A 276 4.56 1.56 -17.33
C ILE A 276 4.31 0.38 -16.41
N TRP A 277 4.24 -0.83 -16.99
CA TRP A 277 3.94 -2.02 -16.21
C TRP A 277 5.07 -2.37 -15.25
N ASN A 278 6.30 -1.98 -15.57
CA ASN A 278 7.47 -2.35 -14.76
C ASN A 278 8.10 -1.14 -14.06
N ASN A 279 7.39 -0.02 -13.99
CA ASN A 279 7.90 1.13 -13.25
C ASN A 279 7.81 0.88 -11.76
N LYS A 280 8.87 1.21 -11.01
CA LYS A 280 8.94 0.98 -9.53
C LYS A 280 7.72 1.56 -8.83
N TRP A 281 7.19 2.68 -9.30
CA TRP A 281 6.09 3.34 -8.61
C TRP A 281 4.73 2.91 -9.11
N LEU A 282 4.65 2.26 -10.27
CA LEU A 282 3.38 1.81 -10.85
C LEU A 282 3.19 0.31 -10.75
N ARG A 283 3.92 -0.36 -9.85
CA ARG A 283 3.84 -1.81 -9.74
C ARG A 283 2.50 -2.27 -9.18
N ASP A 284 1.73 -1.41 -8.51
CA ASP A 284 0.45 -1.80 -7.88
C ASP A 284 -0.73 -1.13 -8.59
N THR A 285 -0.48 -0.61 -9.80
CA THR A 285 -1.52 0.14 -10.56
C THR A 285 -1.98 -0.70 -11.74
N SER A 286 -3.27 -1.03 -11.76
CA SER A 286 -3.82 -1.83 -12.85
C SER A 286 -4.00 -0.97 -14.10
N VAL A 287 -4.05 -1.65 -15.25
CA VAL A 287 -4.16 -0.99 -16.55
C VAL A 287 -5.37 -1.56 -17.27
N ILE A 288 -6.27 -0.67 -17.71
CA ILE A 288 -7.40 -1.03 -18.56
C ILE A 288 -6.98 -0.77 -20.00
N LEU A 289 -6.91 -1.82 -20.81
CA LEU A 289 -6.41 -1.74 -22.17
C LEU A 289 -7.59 -1.68 -23.14
N PHE A 290 -7.63 -0.63 -23.96
CA PHE A 290 -8.68 -0.44 -24.96
C PHE A 290 -8.03 -0.47 -26.34
N LEU A 291 -8.00 -1.65 -26.95
CA LEU A 291 -7.50 -1.80 -28.31
C LEU A 291 -8.53 -1.19 -29.27
N ASN A 292 -8.26 0.05 -29.70
CA ASN A 292 -9.21 0.80 -30.49
C ASN A 292 -9.01 0.52 -31.98
N LYS A 293 -9.87 1.13 -32.80
CA LYS A 293 -9.81 1.04 -34.26
C LYS A 293 -9.90 -0.41 -34.73
N GLN A 294 -11.00 -1.06 -34.34
CA GLN A 294 -11.26 -2.41 -34.84
C GLN A 294 -11.77 -2.39 -36.27
N ASP A 295 -12.44 -1.30 -36.67
CA ASP A 295 -12.93 -1.20 -38.04
C ASP A 295 -11.77 -1.16 -39.04
N LEU A 296 -10.82 -0.26 -38.82
CA LEU A 296 -9.66 -0.18 -39.70
C LEU A 296 -8.86 -1.47 -39.67
N LEU A 297 -8.74 -2.11 -38.50
CA LEU A 297 -8.07 -3.39 -38.41
C LEU A 297 -8.81 -4.45 -39.22
N ALA A 298 -10.13 -4.34 -39.30
CA ALA A 298 -10.94 -5.37 -39.95
C ALA A 298 -10.82 -5.35 -41.47
N GLU A 299 -10.63 -4.17 -42.07
CA GLU A 299 -10.63 -4.08 -43.53
C GLU A 299 -9.25 -4.16 -44.16
N LYS A 300 -8.21 -3.69 -43.46
CA LYS A 300 -6.86 -3.78 -44.01
C LYS A 300 -6.41 -5.24 -44.12
N VAL A 301 -6.70 -6.04 -43.10
CA VAL A 301 -6.31 -7.45 -43.14
C VAL A 301 -7.15 -8.20 -44.17
N LEU A 302 -8.44 -7.92 -44.23
CA LEU A 302 -9.30 -8.55 -45.24
C LEU A 302 -8.97 -8.09 -46.65
N ALA A 303 -8.18 -7.02 -46.80
CA ALA A 303 -7.68 -6.62 -48.11
C ALA A 303 -6.29 -7.18 -48.39
N GLY A 304 -5.49 -7.40 -47.35
CA GLY A 304 -4.17 -7.96 -47.53
C GLY A 304 -3.17 -7.08 -48.25
N LYS A 305 -3.38 -5.76 -48.25
CA LYS A 305 -2.47 -4.85 -48.96
C LYS A 305 -1.10 -4.84 -48.32
N SER A 306 -1.02 -4.43 -47.04
CA SER A 306 0.22 -4.40 -46.28
C SER A 306 0.03 -5.31 -45.07
N LYS A 307 0.62 -6.51 -45.14
CA LYS A 307 0.43 -7.51 -44.11
C LYS A 307 1.05 -7.04 -42.78
N ILE A 308 0.59 -7.68 -41.70
CA ILE A 308 1.15 -7.42 -40.38
C ILE A 308 2.37 -8.31 -40.10
N GLU A 309 2.67 -9.26 -41.00
CA GLU A 309 3.82 -10.13 -40.84
C GLU A 309 5.14 -9.39 -40.90
N ASP A 310 5.18 -8.19 -41.47
CA ASP A 310 6.44 -7.45 -41.56
C ASP A 310 6.84 -6.88 -40.21
N TYR A 311 5.88 -6.38 -39.44
CA TYR A 311 6.18 -5.81 -38.14
C TYR A 311 6.35 -6.89 -37.08
N PHE A 312 5.47 -7.89 -37.08
CA PHE A 312 5.52 -8.99 -36.11
C PHE A 312 5.62 -10.31 -36.86
N PRO A 313 6.82 -10.88 -37.02
CA PRO A 313 6.94 -12.13 -37.78
C PRO A 313 6.39 -13.34 -37.06
N GLU A 314 6.23 -13.28 -35.74
CA GLU A 314 5.73 -14.41 -34.97
C GLU A 314 4.23 -14.61 -35.12
N PHE A 315 3.55 -13.77 -35.91
CA PHE A 315 2.12 -13.95 -36.14
C PHE A 315 1.82 -15.13 -37.07
N ALA A 316 2.80 -15.58 -37.86
CA ALA A 316 2.58 -16.70 -38.75
C ALA A 316 2.40 -17.99 -37.96
N ARG A 317 3.23 -18.21 -36.94
CA ARG A 317 3.15 -19.38 -36.09
C ARG A 317 2.12 -19.25 -34.97
N TYR A 318 1.21 -18.28 -35.06
CA TYR A 318 0.19 -18.04 -34.05
C TYR A 318 -1.16 -18.51 -34.54
N THR A 319 -1.99 -18.98 -33.61
CA THR A 319 -3.33 -19.45 -33.90
C THR A 319 -4.31 -18.83 -32.91
N THR A 320 -5.58 -18.81 -33.31
CA THR A 320 -6.62 -18.22 -32.48
C THR A 320 -6.71 -18.95 -31.14
N PRO A 321 -6.72 -18.23 -30.01
CA PRO A 321 -6.76 -18.90 -28.71
C PRO A 321 -8.10 -19.61 -28.46
N GLU A 322 -8.17 -20.27 -27.32
CA GLU A 322 -9.32 -21.11 -27.00
C GLU A 322 -10.55 -20.29 -26.62
N ASP A 323 -10.36 -19.16 -25.95
CA ASP A 323 -11.47 -18.37 -25.40
C ASP A 323 -11.95 -17.27 -26.35
N ALA A 324 -11.80 -17.47 -27.66
CA ALA A 324 -12.22 -16.45 -28.62
C ALA A 324 -13.74 -16.44 -28.75
N THR A 325 -14.33 -15.25 -28.63
CA THR A 325 -15.75 -15.04 -28.83
C THR A 325 -15.93 -14.00 -29.93
N PRO A 326 -15.83 -14.41 -31.19
CA PRO A 326 -15.97 -13.44 -32.28
C PRO A 326 -17.41 -13.01 -32.48
N GLU A 327 -17.59 -11.76 -32.86
CA GLU A 327 -18.91 -11.22 -33.12
C GLU A 327 -19.57 -12.00 -34.26
N PRO A 328 -20.86 -12.34 -34.15
CA PRO A 328 -21.56 -12.99 -35.26
C PRO A 328 -21.49 -12.15 -36.53
N GLY A 329 -20.82 -12.67 -37.54
CA GLY A 329 -20.53 -11.92 -38.75
C GLY A 329 -19.13 -11.38 -38.85
N GLU A 330 -18.17 -12.00 -38.15
CA GLU A 330 -16.77 -11.58 -38.18
C GLU A 330 -15.95 -12.65 -38.86
N ASP A 331 -15.08 -12.22 -39.78
CA ASP A 331 -14.28 -13.17 -40.54
C ASP A 331 -13.32 -13.91 -39.61
N PRO A 332 -13.05 -15.19 -39.86
CA PRO A 332 -12.07 -15.91 -39.02
C PRO A 332 -10.66 -15.36 -39.11
N ARG A 333 -10.34 -14.61 -40.17
CA ARG A 333 -9.00 -14.07 -40.32
C ARG A 333 -8.77 -12.86 -39.41
N VAL A 334 -9.72 -11.92 -39.39
CA VAL A 334 -9.55 -10.74 -38.55
C VAL A 334 -9.62 -11.12 -37.07
N THR A 335 -10.36 -12.18 -36.75
CA THR A 335 -10.38 -12.70 -35.39
C THR A 335 -8.98 -13.14 -34.95
N ARG A 336 -8.19 -13.69 -35.88
CA ARG A 336 -6.83 -14.09 -35.54
C ARG A 336 -5.92 -12.89 -35.34
N ALA A 337 -6.21 -11.77 -36.01
CA ALA A 337 -5.36 -10.59 -35.91
C ALA A 337 -5.54 -9.87 -34.59
N LYS A 338 -6.80 -9.61 -34.20
CA LYS A 338 -7.04 -8.85 -32.97
C LYS A 338 -6.63 -9.64 -31.73
N TYR A 339 -6.80 -10.97 -31.75
CA TYR A 339 -6.42 -11.77 -30.60
C TYR A 339 -4.92 -11.97 -30.50
N PHE A 340 -4.17 -11.68 -31.55
CA PHE A 340 -2.71 -11.75 -31.48
C PHE A 340 -2.13 -10.46 -30.89
N ILE A 341 -2.70 -9.32 -31.25
CA ILE A 341 -2.25 -8.05 -30.66
C ILE A 341 -2.61 -8.00 -29.19
N ARG A 342 -3.74 -8.61 -28.80
CA ARG A 342 -4.08 -8.67 -27.39
C ARG A 342 -3.11 -9.56 -26.62
N ASP A 343 -2.66 -10.66 -27.23
CA ASP A 343 -1.70 -11.53 -26.57
C ASP A 343 -0.34 -10.86 -26.43
N GLU A 344 -0.04 -9.89 -27.31
CA GLU A 344 1.22 -9.16 -27.19
C GLU A 344 1.28 -8.38 -25.89
N PHE A 345 0.17 -7.70 -25.54
CA PHE A 345 0.13 -6.96 -24.29
C PHE A 345 0.04 -7.89 -23.09
N LEU A 346 -0.63 -9.04 -23.24
CA LEU A 346 -0.73 -9.98 -22.13
C LEU A 346 0.59 -10.69 -21.86
N ARG A 347 1.44 -10.83 -22.88
CA ARG A 347 2.75 -11.42 -22.67
C ARG A 347 3.61 -10.56 -21.77
N ILE A 348 3.46 -9.24 -21.87
CA ILE A 348 4.24 -8.33 -21.01
C ILE A 348 3.68 -8.33 -19.60
N SER A 349 2.35 -8.33 -19.47
CA SER A 349 1.74 -8.19 -18.15
C SER A 349 1.92 -9.46 -17.31
N THR A 350 1.85 -10.63 -17.94
CA THR A 350 1.98 -11.88 -17.21
C THR A 350 3.41 -12.21 -16.84
N ALA A 351 4.40 -11.49 -17.37
CA ALA A 351 5.79 -11.76 -17.05
C ALA A 351 6.23 -11.13 -15.73
N SER A 352 5.49 -10.13 -15.24
CA SER A 352 5.86 -9.45 -14.01
C SER A 352 4.70 -9.24 -13.06
N GLY A 353 3.50 -9.73 -13.36
CA GLY A 353 2.38 -9.61 -12.46
C GLY A 353 2.47 -10.58 -11.29
N ASP A 354 2.66 -10.04 -10.08
CA ASP A 354 2.75 -10.83 -8.87
C ASP A 354 1.54 -10.61 -7.97
N GLY A 355 0.37 -10.46 -8.57
CA GLY A 355 -0.85 -10.20 -7.83
C GLY A 355 -1.06 -8.76 -7.43
N ARG A 356 -0.09 -7.87 -7.71
CA ARG A 356 -0.23 -6.47 -7.36
C ARG A 356 -1.18 -5.74 -8.31
N HIS A 357 -1.03 -5.98 -9.60
CA HIS A 357 -1.87 -5.35 -10.61
C HIS A 357 -2.15 -6.33 -11.73
N TYR A 358 -3.21 -6.06 -12.48
CA TYR A 358 -3.63 -6.90 -13.60
C TYR A 358 -4.06 -6.03 -14.76
N CYS A 359 -4.05 -6.61 -15.94
CA CYS A 359 -4.45 -5.93 -17.16
C CYS A 359 -5.82 -6.42 -17.61
N TYR A 360 -6.64 -5.50 -18.13
CA TYR A 360 -7.99 -5.79 -18.59
C TYR A 360 -8.12 -5.33 -20.04
N PRO A 361 -7.74 -6.16 -21.01
CA PRO A 361 -7.85 -5.75 -22.41
C PRO A 361 -9.27 -5.87 -22.93
N HIS A 362 -9.66 -4.92 -23.79
CA HIS A 362 -10.98 -4.90 -24.38
C HIS A 362 -10.88 -4.39 -25.81
N PHE A 363 -11.46 -5.14 -26.75
CA PHE A 363 -11.52 -4.70 -28.15
C PHE A 363 -12.65 -3.68 -28.28
N THR A 364 -12.29 -2.42 -28.48
CA THR A 364 -13.25 -1.34 -28.61
C THR A 364 -13.16 -0.73 -30.00
N CYS A 365 -14.30 -0.25 -30.49
CA CYS A 365 -14.37 0.41 -31.78
C CYS A 365 -14.67 1.90 -31.60
N SER A 366 -14.68 2.62 -32.71
CA SER A 366 -15.05 4.03 -32.72
C SER A 366 -16.55 4.24 -32.61
N VAL A 367 -17.33 3.16 -32.58
CA VAL A 367 -18.78 3.24 -32.45
C VAL A 367 -19.30 2.56 -31.20
N ASP A 368 -18.45 1.88 -30.44
CA ASP A 368 -18.90 1.18 -29.24
C ASP A 368 -19.39 2.19 -28.20
N THR A 369 -20.55 1.90 -27.62
CA THR A 369 -21.14 2.75 -26.59
C THR A 369 -21.04 2.17 -25.19
N GLU A 370 -20.60 0.93 -25.05
CA GLU A 370 -20.45 0.28 -23.74
C GLU A 370 -19.07 0.49 -23.14
N ASN A 371 -18.35 1.53 -23.57
CA ASN A 371 -16.98 1.71 -23.09
C ASN A 371 -16.94 2.09 -21.61
N ILE A 372 -17.90 2.90 -21.14
CA ILE A 372 -17.90 3.29 -19.75
C ILE A 372 -18.41 2.16 -18.86
N ARG A 373 -19.22 1.25 -19.41
CA ARG A 373 -19.64 0.09 -18.63
C ARG A 373 -18.48 -0.88 -18.40
N ARG A 374 -17.58 -1.00 -19.37
CA ARG A 374 -16.40 -1.82 -19.17
C ARG A 374 -15.53 -1.25 -18.06
N VAL A 375 -15.26 0.06 -18.11
CA VAL A 375 -14.46 0.71 -17.07
C VAL A 375 -15.10 0.51 -15.70
N PHE A 376 -16.43 0.54 -15.65
CA PHE A 376 -17.13 0.27 -14.40
C PHE A 376 -16.90 -1.15 -13.93
N ASN A 377 -16.97 -2.12 -14.86
CA ASN A 377 -16.86 -3.52 -14.48
C ASN A 377 -15.43 -3.91 -14.10
N ASP A 378 -14.42 -3.31 -14.75
CA ASP A 378 -13.05 -3.64 -14.39
C ASP A 378 -12.63 -2.95 -13.09
N CYS A 379 -13.06 -1.70 -12.89
CA CYS A 379 -12.78 -1.02 -11.63
C CYS A 379 -13.41 -1.76 -10.46
N ARG A 380 -14.55 -2.39 -10.68
CA ARG A 380 -15.16 -3.20 -9.62
C ARG A 380 -14.30 -4.41 -9.30
N ASP A 381 -13.66 -5.00 -10.31
CA ASP A 381 -12.74 -6.11 -10.07
C ASP A 381 -11.49 -5.65 -9.35
N ILE A 382 -11.02 -4.43 -9.64
CA ILE A 382 -9.80 -3.92 -9.02
C ILE A 382 -10.05 -3.65 -7.53
N ILE A 383 -11.15 -2.99 -7.20
CA ILE A 383 -11.46 -2.72 -5.80
C ILE A 383 -11.73 -4.02 -5.05
N GLN A 384 -12.32 -5.01 -5.73
CA GLN A 384 -12.54 -6.31 -5.09
C GLN A 384 -11.22 -7.03 -4.83
N ARG A 385 -10.32 -7.02 -5.82
CA ARG A 385 -9.03 -7.68 -5.64
C ARG A 385 -8.17 -6.95 -4.62
N MET A 386 -8.38 -5.64 -4.46
CA MET A 386 -7.67 -4.91 -3.42
C MET A 386 -8.15 -5.31 -2.03
N HIS A 387 -9.47 -5.46 -1.86
CA HIS A 387 -10.01 -5.88 -0.57
C HIS A 387 -9.61 -7.30 -0.23
N LEU A 388 -9.55 -8.18 -1.25
CA LEU A 388 -9.11 -9.55 -1.01
C LEU A 388 -7.65 -9.65 -0.61
N ARG A 389 -6.84 -8.66 -1.00
CA ARG A 389 -5.44 -8.64 -0.58
C ARG A 389 -5.30 -8.16 0.86
N GLN A 390 -6.12 -7.19 1.25
CA GLN A 390 -6.05 -6.67 2.62
C GLN A 390 -6.48 -7.72 3.63
N TYR A 391 -7.45 -8.56 3.28
CA TYR A 391 -7.82 -9.70 4.10
C TYR A 391 -6.98 -10.93 3.82
N GLU A 392 -6.04 -10.83 2.88
CA GLU A 392 -5.14 -11.91 2.49
C GLU A 392 -5.90 -13.14 1.99
N LEU A 393 -7.14 -12.97 1.55
CA LEU A 393 -7.89 -14.08 0.97
C LEU A 393 -7.35 -14.44 -0.41
N LEU A 394 -7.29 -13.47 -1.31
CA LEU A 394 -6.75 -13.67 -2.65
C LEU A 394 -5.59 -12.72 -2.91
N SER B 12 29.29 20.09 -45.25
CA SER B 12 28.32 20.48 -44.24
C SER B 12 29.00 21.27 -43.12
N GLU B 13 28.18 21.98 -42.33
CA GLU B 13 28.69 22.76 -41.21
C GLU B 13 28.17 22.28 -39.87
N LEU B 14 27.21 21.36 -39.84
CA LEU B 14 26.76 20.79 -38.57
C LEU B 14 27.89 20.03 -37.88
N ASP B 15 28.62 19.22 -38.64
CA ASP B 15 29.77 18.52 -38.05
C ASP B 15 30.92 19.48 -37.78
N GLN B 16 30.98 20.61 -38.50
CA GLN B 16 31.94 21.65 -38.16
C GLN B 16 31.66 22.18 -36.75
N LEU B 17 30.38 22.39 -36.43
CA LEU B 17 30.02 22.83 -35.09
C LEU B 17 30.04 21.67 -34.09
N ARG B 18 29.70 20.46 -34.54
CA ARG B 18 29.72 19.31 -33.65
C ARG B 18 31.14 18.95 -33.22
N GLN B 19 32.15 19.36 -33.99
CA GLN B 19 33.54 19.22 -33.59
C GLN B 19 34.11 20.51 -33.03
N GLU B 20 33.50 21.66 -33.30
CA GLU B 20 33.90 22.90 -32.67
C GLU B 20 33.57 22.90 -31.19
N ALA B 21 32.48 22.24 -30.80
CA ALA B 21 32.10 22.18 -29.38
C ALA B 21 32.98 21.21 -28.61
N GLU B 22 33.43 20.12 -29.24
CA GLU B 22 34.28 19.16 -28.56
C GLU B 22 35.67 19.71 -28.31
N GLN B 23 36.14 20.62 -29.15
CA GLN B 23 37.41 21.29 -28.86
C GLN B 23 37.25 22.29 -27.72
N LEU B 24 36.09 22.96 -27.65
CA LEU B 24 35.81 23.81 -26.50
C LEU B 24 35.57 22.99 -25.25
N LYS B 25 34.91 21.83 -25.38
CA LYS B 25 34.75 20.95 -24.24
C LYS B 25 36.08 20.41 -23.74
N ASN B 26 37.03 20.19 -24.65
CA ASN B 26 38.36 19.80 -24.23
C ASN B 26 39.11 20.97 -23.59
N GLN B 27 38.89 22.17 -24.10
CA GLN B 27 39.51 23.36 -23.51
C GLN B 27 38.96 23.63 -22.12
N ILE B 28 37.65 23.50 -21.94
CA ILE B 28 37.05 23.67 -20.61
C ILE B 28 37.53 22.57 -19.67
N ARG B 29 37.62 21.34 -20.16
CA ARG B 29 38.06 20.23 -19.33
C ARG B 29 39.54 20.37 -18.95
N ASP B 30 40.37 20.81 -19.89
CA ASP B 30 41.78 21.00 -19.60
C ASP B 30 42.03 22.17 -18.66
N ALA B 31 41.15 23.18 -18.65
CA ALA B 31 41.29 24.29 -17.72
C ALA B 31 40.89 23.90 -16.30
N ARG B 32 39.92 22.99 -16.16
CA ARG B 32 39.51 22.56 -14.82
C ARG B 32 40.57 21.70 -14.16
N LYS B 33 41.19 20.81 -14.92
CA LYS B 33 42.23 19.95 -14.35
C LYS B 33 43.46 20.74 -13.93
N ALA B 34 43.71 21.88 -14.59
CA ALA B 34 44.83 22.73 -14.19
C ALA B 34 44.63 23.33 -12.80
N CYS B 35 43.38 23.44 -12.35
CA CYS B 35 43.07 23.98 -11.03
C CYS B 35 42.98 22.92 -9.95
N ALA B 36 43.05 21.64 -10.33
CA ALA B 36 42.91 20.55 -9.36
C ALA B 36 44.31 20.11 -8.93
N ASP B 37 44.76 20.60 -7.77
CA ASP B 37 46.06 20.22 -7.23
C ASP B 37 45.97 19.40 -5.96
N ALA B 38 44.88 19.51 -5.20
CA ALA B 38 44.68 18.73 -3.99
C ALA B 38 43.19 18.59 -3.75
N THR B 39 42.71 17.35 -3.67
CA THR B 39 41.28 17.12 -3.51
C THR B 39 40.78 17.62 -2.17
N LEU B 40 39.47 17.80 -2.08
CA LEU B 40 38.86 18.27 -0.83
C LEU B 40 39.06 17.26 0.29
N SER B 41 39.08 15.96 -0.03
CA SER B 41 39.30 14.95 1.00
C SER B 41 40.68 15.07 1.63
N GLN B 42 41.67 15.54 0.87
CA GLN B 42 43.01 15.73 1.42
C GLN B 42 43.14 17.04 2.19
N ILE B 43 42.27 18.01 1.92
CA ILE B 43 42.33 19.28 2.65
C ILE B 43 41.69 19.15 4.02
N THR B 44 40.52 18.50 4.08
CA THR B 44 39.81 18.29 5.34
C THR B 44 40.12 16.93 5.97
N ASN B 45 41.31 16.38 5.70
CA ASN B 45 41.70 15.10 6.27
C ASN B 45 42.29 15.24 7.67
N ASN B 46 42.55 16.47 8.13
CA ASN B 46 43.14 16.69 9.44
C ASN B 46 42.12 17.10 10.50
N ILE B 47 40.94 17.56 10.09
CA ILE B 47 39.92 17.95 11.05
C ILE B 47 39.24 16.70 11.61
N ASP B 48 38.78 16.80 12.85
CA ASP B 48 38.09 15.69 13.47
C ASP B 48 36.66 15.57 12.94
N PRO B 49 36.14 14.36 12.84
CA PRO B 49 34.78 14.18 12.32
C PRO B 49 33.75 14.81 13.25
N VAL B 50 32.53 14.96 12.72
CA VAL B 50 31.43 15.53 13.48
C VAL B 50 30.89 14.59 14.54
N GLY B 51 31.34 13.33 14.55
CA GLY B 51 30.84 12.36 15.49
C GLY B 51 29.58 11.66 15.02
N ARG B 52 28.62 11.52 15.91
CA ARG B 52 27.34 10.88 15.60
C ARG B 52 26.22 11.88 15.78
N ILE B 53 25.35 11.99 14.78
CA ILE B 53 24.22 12.91 14.81
C ILE B 53 22.98 12.10 15.11
N GLN B 54 22.46 12.25 16.33
CA GLN B 54 21.27 11.52 16.78
C GLN B 54 20.10 12.50 16.81
N MET B 55 19.31 12.52 15.75
CA MET B 55 18.13 13.36 15.64
C MET B 55 16.88 12.52 15.84
N ARG B 56 15.86 13.13 16.45
CA ARG B 56 14.63 12.44 16.79
C ARG B 56 13.44 13.20 16.23
N THR B 57 12.39 12.45 15.91
CA THR B 57 11.16 13.04 15.39
C THR B 57 10.47 13.81 16.50
N ARG B 58 10.53 15.14 16.42
CA ARG B 58 9.91 15.97 17.45
C ARG B 58 8.41 16.12 17.24
N ARG B 59 8.01 16.45 16.01
CA ARG B 59 6.59 16.63 15.69
C ARG B 59 6.22 15.73 14.51
N THR B 60 4.93 15.45 14.39
CA THR B 60 4.38 14.71 13.27
C THR B 60 3.09 15.38 12.83
N LEU B 61 2.97 15.60 11.52
CA LEU B 61 1.83 16.30 10.93
C LEU B 61 1.02 15.32 10.11
N ARG B 62 -0.25 15.14 10.50
CA ARG B 62 -1.11 14.09 9.94
C ARG B 62 -2.38 14.66 9.33
N GLY B 63 -2.26 15.69 8.50
CA GLY B 63 -3.44 16.32 7.92
C GLY B 63 -3.73 15.92 6.50
N HIS B 64 -2.69 15.71 5.69
CA HIS B 64 -2.87 15.45 4.28
C HIS B 64 -3.43 14.04 4.05
N LEU B 65 -4.21 13.92 2.97
CA LEU B 65 -4.83 12.64 2.60
C LEU B 65 -3.94 11.84 1.65
N ALA B 66 -3.45 12.48 0.59
CA ALA B 66 -2.66 11.82 -0.43
C ALA B 66 -1.17 12.11 -0.22
N LYS B 67 -0.36 11.64 -1.16
CA LYS B 67 1.09 11.78 -1.04
C LYS B 67 1.50 13.25 -1.04
N ILE B 68 2.56 13.56 -0.30
CA ILE B 68 3.10 14.91 -0.21
C ILE B 68 4.27 15.01 -1.18
N TYR B 69 4.21 16.01 -2.06
CA TYR B 69 5.22 16.15 -3.11
C TYR B 69 6.28 17.20 -2.78
N ALA B 70 5.97 18.20 -1.98
CA ALA B 70 6.94 19.24 -1.69
C ALA B 70 6.56 19.96 -0.40
N MET B 71 7.56 20.59 0.21
CA MET B 71 7.35 21.45 1.36
C MET B 71 8.40 22.55 1.35
N HIS B 72 8.04 23.71 1.87
CA HIS B 72 8.96 24.84 1.95
C HIS B 72 8.77 25.54 3.28
N TRP B 73 9.87 25.72 4.01
CA TRP B 73 9.82 26.42 5.28
C TRP B 73 9.58 27.92 5.07
N GLY B 74 8.81 28.52 5.95
CA GLY B 74 8.72 29.96 5.98
C GLY B 74 9.95 30.59 6.60
N THR B 75 10.13 31.88 6.33
CA THR B 75 11.28 32.58 6.89
C THR B 75 11.16 32.73 8.41
N ASP B 76 9.94 32.64 8.95
CA ASP B 76 9.75 32.71 10.38
C ASP B 76 10.35 31.51 11.09
N SER B 77 10.67 30.45 10.35
CA SER B 77 11.19 29.17 10.83
C SER B 77 10.16 28.42 11.66
N ARG B 78 8.93 28.93 11.79
CA ARG B 78 7.86 28.26 12.50
C ARG B 78 6.79 27.72 11.57
N LEU B 79 6.31 28.56 10.65
CA LEU B 79 5.29 28.15 9.69
C LEU B 79 5.92 27.49 8.48
N LEU B 80 5.30 26.40 8.02
CA LEU B 80 5.72 25.71 6.82
C LEU B 80 4.48 25.34 6.00
N VAL B 81 4.65 25.31 4.69
CA VAL B 81 3.57 24.96 3.77
C VAL B 81 3.92 23.66 3.08
N SER B 82 2.90 22.86 2.77
CA SER B 82 3.08 21.58 2.13
C SER B 82 2.03 21.40 1.05
N ALA B 83 2.38 20.64 0.02
CA ALA B 83 1.50 20.37 -1.12
C ALA B 83 1.29 18.87 -1.24
N SER B 84 0.03 18.45 -1.28
CA SER B 84 -0.33 17.06 -1.46
C SER B 84 -1.17 16.91 -2.71
N GLN B 85 -1.02 15.79 -3.40
CA GLN B 85 -1.72 15.55 -4.66
C GLN B 85 -3.21 15.30 -4.50
N ASP B 86 -3.75 15.44 -3.29
CA ASP B 86 -5.20 15.41 -3.08
C ASP B 86 -5.85 16.74 -3.41
N GLY B 87 -5.09 17.72 -3.90
CA GLY B 87 -5.64 19.01 -4.22
C GLY B 87 -5.74 19.98 -3.05
N LYS B 88 -4.77 19.94 -2.13
CA LYS B 88 -4.83 20.75 -0.92
C LYS B 88 -3.47 21.36 -0.63
N LEU B 89 -3.49 22.60 -0.14
CA LEU B 89 -2.31 23.25 0.45
C LEU B 89 -2.59 23.51 1.92
N ILE B 90 -1.71 23.01 2.78
CA ILE B 90 -1.86 23.15 4.23
C ILE B 90 -0.64 23.84 4.78
N ILE B 91 -0.87 24.92 5.53
CA ILE B 91 0.20 25.66 6.21
C ILE B 91 0.23 25.20 7.66
N TRP B 92 1.39 24.68 8.09
CA TRP B 92 1.53 24.08 9.41
C TRP B 92 2.28 25.03 10.35
N ASP B 93 1.85 25.04 11.61
CA ASP B 93 2.61 25.66 12.68
C ASP B 93 3.44 24.57 13.34
N SER B 94 4.74 24.56 13.06
CA SER B 94 5.59 23.45 13.48
C SER B 94 5.67 23.34 15.00
N TYR B 95 5.53 24.45 15.70
CA TYR B 95 5.65 24.43 17.16
C TYR B 95 4.43 23.76 17.80
N THR B 96 3.24 24.19 17.39
CA THR B 96 2.00 23.71 18.00
C THR B 96 1.31 22.61 17.20
N THR B 97 1.76 22.36 15.97
CA THR B 97 1.16 21.34 15.09
C THR B 97 -0.33 21.62 14.87
N ASN B 98 -0.66 22.87 14.59
CA ASN B 98 -2.03 23.28 14.27
C ASN B 98 -2.07 23.83 12.86
N LYS B 99 -3.01 23.34 12.05
CA LYS B 99 -3.14 23.79 10.68
C LYS B 99 -3.74 25.19 10.65
N VAL B 100 -3.02 26.13 10.04
CA VAL B 100 -3.48 27.52 9.98
C VAL B 100 -4.40 27.75 8.78
N HIS B 101 -4.04 27.20 7.62
CA HIS B 101 -4.82 27.40 6.41
C HIS B 101 -4.95 26.09 5.64
N ALA B 102 -6.12 25.88 5.04
CA ALA B 102 -6.36 24.77 4.13
C ALA B 102 -6.88 25.34 2.82
N ILE B 103 -6.10 25.18 1.76
CA ILE B 103 -6.37 25.81 0.47
C ILE B 103 -6.78 24.72 -0.52
N PRO B 104 -8.02 24.71 -0.99
CA PRO B 104 -8.41 23.73 -2.03
C PRO B 104 -7.94 24.19 -3.40
N LEU B 105 -7.09 23.38 -4.03
CA LEU B 105 -6.51 23.74 -5.31
C LEU B 105 -7.50 23.55 -6.45
N ARG B 106 -7.23 24.22 -7.57
CA ARG B 106 -8.05 24.05 -8.76
C ARG B 106 -7.78 22.71 -9.44
N SER B 107 -6.50 22.34 -9.56
CA SER B 107 -6.08 21.07 -10.10
C SER B 107 -5.40 20.27 -9.00
N SER B 108 -5.78 19.00 -8.87
CA SER B 108 -5.28 18.18 -7.77
C SER B 108 -3.82 17.78 -7.95
N TRP B 109 -3.27 17.95 -9.14
CA TRP B 109 -1.90 17.49 -9.42
C TRP B 109 -0.94 18.66 -9.20
N VAL B 110 -0.41 18.73 -7.99
CA VAL B 110 0.58 19.74 -7.61
C VAL B 110 1.90 19.02 -7.35
N MET B 111 3.00 19.60 -7.82
CA MET B 111 4.31 18.99 -7.71
C MET B 111 5.33 19.86 -6.99
N THR B 112 4.96 21.08 -6.60
CA THR B 112 5.89 21.96 -5.89
C THR B 112 5.08 23.01 -5.14
N CYS B 113 5.68 23.51 -4.06
CA CYS B 113 5.09 24.59 -3.29
C CYS B 113 6.21 25.47 -2.75
N ALA B 114 5.90 26.77 -2.61
CA ALA B 114 6.88 27.73 -2.13
C ALA B 114 6.21 28.70 -1.18
N TYR B 115 6.98 29.18 -0.21
CA TYR B 115 6.54 30.17 0.77
C TYR B 115 7.35 31.45 0.56
N ALA B 116 6.66 32.55 0.34
CA ALA B 116 7.34 33.82 0.13
C ALA B 116 8.11 34.21 1.39
N PRO B 117 9.26 34.88 1.26
CA PRO B 117 10.02 35.27 2.46
C PRO B 117 9.30 36.27 3.34
N SER B 118 8.25 36.91 2.84
CA SER B 118 7.48 37.88 3.61
C SER B 118 6.22 37.27 4.20
N GLY B 119 5.99 35.97 4.01
CA GLY B 119 4.84 35.30 4.58
C GLY B 119 3.49 35.72 4.03
N ASN B 120 3.45 36.60 3.02
CA ASN B 120 2.19 37.09 2.50
C ASN B 120 1.62 36.21 1.39
N TYR B 121 2.45 35.40 0.73
CA TYR B 121 1.99 34.63 -0.41
C TYR B 121 2.61 33.23 -0.37
N VAL B 122 1.89 32.28 -0.98
CA VAL B 122 2.40 30.94 -1.23
C VAL B 122 2.13 30.60 -2.69
N ALA B 123 3.02 29.81 -3.28
CA ALA B 123 2.90 29.41 -4.67
C ALA B 123 2.87 27.89 -4.77
N CYS B 124 2.26 27.40 -5.85
CA CYS B 124 2.20 25.97 -6.11
C CYS B 124 1.94 25.74 -7.59
N GLY B 125 2.47 24.64 -8.09
CA GLY B 125 2.31 24.29 -9.50
C GLY B 125 2.43 22.80 -9.70
N GLY B 126 2.08 22.36 -10.90
CA GLY B 126 2.11 20.95 -11.23
C GLY B 126 1.75 20.65 -12.67
N LEU B 127 0.92 19.63 -12.89
CA LEU B 127 0.56 19.20 -14.23
C LEU B 127 -0.33 20.19 -14.97
N ASP B 128 -0.86 21.20 -14.28
CA ASP B 128 -1.65 22.22 -14.95
C ASP B 128 -0.80 23.27 -15.65
N ASN B 129 0.52 23.21 -15.51
CA ASN B 129 1.46 24.13 -16.13
C ASN B 129 1.24 25.59 -15.70
N ILE B 130 0.59 25.79 -14.56
CA ILE B 130 0.26 27.14 -14.07
C ILE B 130 0.81 27.29 -12.66
N CYS B 131 1.42 28.44 -12.38
CA CYS B 131 1.86 28.81 -11.05
C CYS B 131 0.76 29.67 -10.42
N SER B 132 0.12 29.15 -9.37
CA SER B 132 -0.98 29.83 -8.71
C SER B 132 -0.44 30.50 -7.45
N ILE B 133 -0.49 31.83 -7.44
CA ILE B 133 -0.08 32.62 -6.28
C ILE B 133 -1.30 32.82 -5.38
N TYR B 134 -1.15 32.52 -4.11
CA TYR B 134 -2.25 32.59 -3.15
C TYR B 134 -1.98 33.69 -2.13
N ASN B 135 -2.88 34.66 -2.06
CA ASN B 135 -2.78 35.76 -1.12
C ASN B 135 -3.42 35.35 0.19
N LEU B 136 -2.63 35.34 1.27
CA LEU B 136 -3.12 34.91 2.58
C LEU B 136 -3.76 36.06 3.35
N LYS B 137 -3.17 37.24 3.32
CA LYS B 137 -3.68 38.40 4.05
C LYS B 137 -4.59 39.19 3.12
N THR B 138 -5.82 38.69 2.96
CA THR B 138 -6.79 39.31 2.08
C THR B 138 -7.65 40.32 2.84
N ARG B 139 -8.59 40.95 2.12
CA ARG B 139 -9.48 41.93 2.75
C ARG B 139 -10.57 41.27 3.57
N GLU B 140 -10.92 40.03 3.26
CA GLU B 140 -11.98 39.32 3.97
C GLU B 140 -11.43 38.29 4.95
N GLY B 141 -10.12 38.27 5.17
CA GLY B 141 -9.51 37.30 6.06
C GLY B 141 -9.45 35.89 5.53
N ASN B 142 -9.78 35.67 4.26
CA ASN B 142 -9.77 34.35 3.64
C ASN B 142 -8.58 34.24 2.69
N VAL B 143 -8.51 33.10 2.01
CA VAL B 143 -7.45 32.81 1.05
C VAL B 143 -8.08 32.62 -0.32
N ARG B 144 -7.59 33.38 -1.30
CA ARG B 144 -8.06 33.27 -2.68
C ARG B 144 -6.86 33.25 -3.62
N VAL B 145 -7.09 32.73 -4.82
CA VAL B 145 -6.06 32.69 -5.85
C VAL B 145 -5.80 34.13 -6.31
N SER B 146 -4.62 34.65 -5.99
CA SER B 146 -4.32 36.04 -6.35
C SER B 146 -3.87 36.17 -7.80
N ARG B 147 -3.05 35.23 -8.28
CA ARG B 147 -2.51 35.33 -9.62
C ARG B 147 -2.19 33.93 -10.15
N GLU B 148 -2.58 33.69 -11.41
CA GLU B 148 -2.25 32.47 -12.12
C GLU B 148 -1.27 32.81 -13.24
N LEU B 149 -0.13 32.12 -13.25
CA LEU B 149 0.95 32.39 -14.20
C LEU B 149 0.91 31.33 -15.29
N ALA B 150 0.45 31.71 -16.47
CA ALA B 150 0.35 30.81 -17.61
C ALA B 150 1.38 31.18 -18.67
N GLY B 151 1.82 30.19 -19.43
CA GLY B 151 2.82 30.41 -20.46
C GLY B 151 3.78 29.26 -20.63
N HIS B 152 3.88 28.41 -19.60
CA HIS B 152 4.72 27.23 -19.70
C HIS B 152 4.03 26.14 -20.53
N THR B 153 4.83 25.41 -21.30
CA THR B 153 4.33 24.31 -22.11
C THR B 153 4.59 22.95 -21.47
N GLY B 154 4.94 22.92 -20.19
CA GLY B 154 5.14 21.69 -19.47
C GLY B 154 4.81 21.88 -18.01
N TYR B 155 4.74 20.76 -17.29
CA TYR B 155 4.42 20.78 -15.87
C TYR B 155 5.46 21.60 -15.10
N LEU B 156 5.01 22.20 -14.00
CA LEU B 156 5.88 22.99 -13.15
C LEU B 156 6.51 22.10 -12.09
N SER B 157 7.84 22.15 -11.99
CA SER B 157 8.58 21.29 -11.08
C SER B 157 9.03 21.98 -9.81
N CYS B 158 9.33 23.28 -9.88
CA CYS B 158 9.78 24.01 -8.70
C CYS B 158 9.56 25.49 -8.92
N CYS B 159 9.41 26.22 -7.82
CA CYS B 159 9.27 27.67 -7.86
C CYS B 159 9.78 28.25 -6.56
N ARG B 160 10.36 29.44 -6.62
CA ARG B 160 10.91 30.11 -5.44
C ARG B 160 10.71 31.60 -5.58
N PHE B 161 10.10 32.22 -4.56
CA PHE B 161 9.91 33.66 -4.57
C PHE B 161 11.24 34.39 -4.40
N LEU B 162 11.46 35.40 -5.24
CA LEU B 162 12.54 36.34 -4.99
C LEU B 162 12.06 37.50 -4.12
N ASP B 163 10.87 38.01 -4.39
CA ASP B 163 10.19 38.97 -3.53
C ASP B 163 8.69 38.73 -3.67
N ASP B 164 7.89 39.69 -3.21
CA ASP B 164 6.45 39.53 -3.30
C ASP B 164 5.89 39.80 -4.69
N ASN B 165 6.72 40.15 -5.66
CA ASN B 165 6.27 40.40 -7.03
C ASN B 165 7.08 39.64 -8.07
N GLN B 166 8.14 38.94 -7.69
CA GLN B 166 8.97 38.20 -8.63
C GLN B 166 9.12 36.77 -8.14
N ILE B 167 8.99 35.82 -9.06
CA ILE B 167 9.11 34.40 -8.75
C ILE B 167 9.75 33.69 -9.93
N VAL B 168 10.69 32.79 -9.64
CA VAL B 168 11.39 32.01 -10.65
C VAL B 168 10.87 30.58 -10.59
N THR B 169 10.44 30.07 -11.74
CA THR B 169 9.86 28.74 -11.84
C THR B 169 10.66 27.88 -12.80
N SER B 170 10.70 26.59 -12.52
CA SER B 170 11.23 25.59 -13.42
C SER B 170 10.10 24.70 -13.92
N SER B 171 10.21 24.24 -15.16
CA SER B 171 9.13 23.50 -15.78
C SER B 171 9.69 22.32 -16.56
N GLY B 172 8.79 21.37 -16.88
CA GLY B 172 9.16 20.22 -17.67
C GLY B 172 9.42 20.51 -19.13
N ASP B 173 9.25 21.77 -19.56
CA ASP B 173 9.56 22.17 -20.93
C ASP B 173 11.02 22.55 -21.11
N THR B 174 11.90 22.07 -20.23
CA THR B 174 13.35 22.26 -20.28
C THR B 174 13.79 23.70 -20.10
N THR B 175 12.89 24.59 -19.67
CA THR B 175 13.21 26.01 -19.52
C THR B 175 12.75 26.50 -18.16
N CYS B 176 13.46 27.50 -17.65
CA CYS B 176 13.06 28.25 -16.47
C CYS B 176 12.57 29.63 -16.89
N ALA B 177 11.88 30.31 -15.97
CA ALA B 177 11.29 31.60 -16.28
C ALA B 177 11.10 32.41 -15.01
N LEU B 178 11.45 33.69 -15.10
CA LEU B 178 11.18 34.66 -14.03
C LEU B 178 9.93 35.45 -14.37
N TRP B 179 8.99 35.50 -13.45
CA TRP B 179 7.68 36.09 -13.69
C TRP B 179 7.53 37.42 -12.96
N ASP B 180 6.61 38.23 -13.46
CA ASP B 180 6.22 39.48 -12.82
C ASP B 180 4.77 39.31 -12.37
N ILE B 181 4.57 39.00 -11.09
CA ILE B 181 3.25 38.65 -10.58
C ILE B 181 2.28 39.81 -10.76
N GLU B 182 2.78 41.04 -10.73
CA GLU B 182 1.93 42.20 -10.96
C GLU B 182 1.30 42.15 -12.34
N THR B 183 2.10 41.95 -13.37
CA THR B 183 1.57 41.86 -14.73
C THR B 183 1.13 40.44 -15.07
N GLY B 184 1.88 39.44 -14.61
CA GLY B 184 1.58 38.06 -14.92
C GLY B 184 2.32 37.49 -16.10
N GLN B 185 3.09 38.30 -16.82
CA GLN B 185 3.82 37.88 -17.99
C GLN B 185 5.27 37.57 -17.63
N GLN B 186 5.90 36.72 -18.42
CA GLN B 186 7.31 36.39 -18.21
C GLN B 186 8.19 37.58 -18.58
N THR B 187 9.26 37.77 -17.81
CA THR B 187 10.22 38.82 -18.08
C THR B 187 11.54 38.29 -18.64
N THR B 188 11.83 37.01 -18.45
CA THR B 188 13.03 36.40 -19.00
C THR B 188 12.87 34.88 -18.92
N THR B 189 13.37 34.20 -19.95
CA THR B 189 13.32 32.74 -20.03
C THR B 189 14.75 32.21 -20.04
N PHE B 190 14.99 31.17 -19.25
CA PHE B 190 16.33 30.59 -19.08
C PHE B 190 16.37 29.29 -19.86
N THR B 191 16.77 29.38 -21.14
CA THR B 191 16.89 28.23 -22.00
C THR B 191 18.33 27.71 -22.01
N GLY B 192 18.47 26.44 -22.35
CA GLY B 192 19.78 25.81 -22.41
C GLY B 192 19.77 24.38 -21.91
N HIS B 193 18.83 24.05 -21.03
CA HIS B 193 18.68 22.69 -20.56
C HIS B 193 18.04 21.82 -21.64
N THR B 194 18.51 20.59 -21.76
CA THR B 194 18.00 19.63 -22.73
C THR B 194 17.22 18.51 -22.03
N GLY B 195 16.49 18.87 -20.98
CA GLY B 195 15.69 17.90 -20.24
C GLY B 195 14.84 18.62 -19.21
N ASP B 196 13.91 17.87 -18.64
CA ASP B 196 13.01 18.43 -17.64
C ASP B 196 13.78 19.02 -16.48
N VAL B 197 13.64 20.33 -16.29
CA VAL B 197 14.26 21.01 -15.16
C VAL B 197 13.48 20.66 -13.90
N MET B 198 14.14 19.99 -12.95
CA MET B 198 13.44 19.43 -11.80
C MET B 198 13.48 20.36 -10.59
N SER B 199 14.66 20.85 -10.23
CA SER B 199 14.81 21.62 -9.00
C SER B 199 15.65 22.87 -9.28
N LEU B 200 15.42 23.90 -8.48
CA LEU B 200 16.21 25.12 -8.52
C LEU B 200 16.46 25.58 -7.09
N SER B 201 17.59 26.28 -6.91
CA SER B 201 17.97 26.78 -5.60
C SER B 201 18.50 28.19 -5.75
N LEU B 202 18.04 29.08 -4.87
CA LEU B 202 18.46 30.48 -4.88
C LEU B 202 19.63 30.69 -3.94
N ALA B 203 20.56 31.54 -4.36
CA ALA B 203 21.69 31.91 -3.53
C ALA B 203 21.22 32.79 -2.37
N PRO B 204 22.06 32.98 -1.34
CA PRO B 204 21.72 33.96 -0.31
C PRO B 204 21.29 35.31 -0.88
N ASP B 205 22.05 35.82 -1.85
CA ASP B 205 21.58 36.94 -2.65
C ASP B 205 20.76 36.43 -3.82
N THR B 206 19.77 37.22 -4.25
CA THR B 206 18.88 36.83 -5.33
C THR B 206 19.40 37.23 -6.70
N ARG B 207 20.72 37.36 -6.85
CA ARG B 207 21.30 37.70 -8.15
C ARG B 207 21.53 36.47 -9.02
N LEU B 208 21.72 35.31 -8.41
CA LEU B 208 22.01 34.08 -9.13
C LEU B 208 21.17 32.94 -8.57
N PHE B 209 21.01 31.89 -9.39
CA PHE B 209 20.38 30.66 -8.95
C PHE B 209 20.90 29.51 -9.80
N VAL B 210 20.82 28.31 -9.24
CA VAL B 210 21.27 27.09 -9.90
C VAL B 210 20.08 26.17 -10.08
N SER B 211 20.04 25.48 -11.22
CA SER B 211 18.96 24.56 -11.54
C SER B 211 19.53 23.24 -12.02
N GLY B 212 18.90 22.15 -11.61
CA GLY B 212 19.26 20.80 -12.05
C GLY B 212 18.14 20.22 -12.90
N ALA B 213 18.51 19.58 -14.01
CA ALA B 213 17.55 19.06 -14.95
C ALA B 213 17.82 17.57 -15.20
N CYS B 214 16.92 16.96 -15.96
CA CYS B 214 17.01 15.54 -16.32
C CYS B 214 18.10 15.26 -17.35
N ASP B 215 18.89 16.25 -17.75
CA ASP B 215 20.02 16.02 -18.66
C ASP B 215 21.33 15.77 -17.92
N ALA B 216 21.24 15.39 -16.63
CA ALA B 216 22.42 15.10 -15.80
C ALA B 216 23.38 16.27 -15.71
N SER B 217 22.86 17.49 -15.81
CA SER B 217 23.68 18.69 -15.77
C SER B 217 22.99 19.78 -14.96
N ALA B 218 23.81 20.57 -14.26
CA ALA B 218 23.34 21.72 -13.52
C ALA B 218 23.94 22.99 -14.11
N LYS B 219 23.13 24.03 -14.23
CA LYS B 219 23.55 25.29 -14.83
C LYS B 219 23.32 26.42 -13.84
N LEU B 220 24.30 27.33 -13.77
CA LEU B 220 24.21 28.52 -12.93
C LEU B 220 23.75 29.70 -13.80
N TRP B 221 22.64 30.31 -13.42
CA TRP B 221 22.02 31.37 -14.19
C TRP B 221 22.18 32.72 -13.50
N ASP B 222 22.03 33.78 -14.30
CA ASP B 222 22.08 35.15 -13.80
C ASP B 222 20.68 35.73 -13.91
N VAL B 223 20.10 36.07 -12.77
CA VAL B 223 18.70 36.52 -12.74
C VAL B 223 18.56 37.86 -13.44
N ARG B 224 19.49 38.79 -13.20
CA ARG B 224 19.36 40.14 -13.73
C ARG B 224 19.50 40.14 -15.25
N GLU B 225 20.48 39.41 -15.78
CA GLU B 225 20.73 39.41 -17.21
C GLU B 225 19.94 38.34 -17.95
N GLY B 226 19.65 37.21 -17.30
CA GLY B 226 18.94 36.13 -17.95
C GLY B 226 19.81 35.18 -18.75
N MET B 227 21.12 35.19 -18.53
CA MET B 227 22.06 34.38 -19.28
C MET B 227 22.60 33.25 -18.41
N CYS B 228 22.95 32.15 -19.04
CA CYS B 228 23.63 31.06 -18.35
C CYS B 228 25.10 31.40 -18.17
N ARG B 229 25.60 31.21 -16.95
CA ARG B 229 26.98 31.57 -16.61
C ARG B 229 27.91 30.37 -16.62
N GLN B 230 27.53 29.28 -15.95
CA GLN B 230 28.35 28.09 -15.86
C GLN B 230 27.48 26.85 -16.02
N THR B 231 28.12 25.76 -16.43
CA THR B 231 27.46 24.46 -16.53
C THR B 231 28.30 23.43 -15.80
N PHE B 232 27.66 22.62 -14.97
CA PHE B 232 28.34 21.65 -14.12
C PHE B 232 27.89 20.26 -14.48
N THR B 233 28.85 19.37 -14.74
CA THR B 233 28.59 17.99 -15.06
C THR B 233 29.32 17.08 -14.08
N GLY B 234 29.00 15.79 -14.16
CA GLY B 234 29.58 14.81 -13.25
C GLY B 234 28.58 13.77 -12.81
N HIS B 235 27.30 14.15 -12.80
CA HIS B 235 26.24 13.21 -12.48
C HIS B 235 25.98 12.28 -13.66
N GLU B 236 25.46 11.09 -13.35
CA GLU B 236 25.20 10.08 -14.36
C GLU B 236 23.75 10.03 -14.82
N SER B 237 22.81 10.51 -14.00
CA SER B 237 21.40 10.44 -14.34
C SER B 237 20.70 11.76 -14.03
N ASP B 238 19.37 11.76 -14.07
CA ASP B 238 18.61 12.98 -13.84
C ASP B 238 18.91 13.56 -12.47
N ILE B 239 18.88 14.89 -12.38
CA ILE B 239 19.10 15.60 -11.13
C ILE B 239 17.74 16.00 -10.59
N ASN B 240 17.36 15.42 -9.45
CA ASN B 240 16.05 15.69 -8.86
C ASN B 240 16.10 16.78 -7.80
N ALA B 241 17.27 17.10 -7.26
CA ALA B 241 17.38 18.05 -6.16
C ALA B 241 18.66 18.87 -6.31
N ILE B 242 18.61 20.11 -5.83
CA ILE B 242 19.76 21.00 -5.85
C ILE B 242 19.61 22.00 -4.71
N CYS B 243 20.73 22.34 -4.07
CA CYS B 243 20.71 23.23 -2.92
C CYS B 243 21.99 24.05 -2.90
N PHE B 244 21.86 25.31 -2.48
CA PHE B 244 22.99 26.23 -2.42
C PHE B 244 23.70 26.11 -1.07
N PHE B 245 25.02 26.29 -1.10
CA PHE B 245 25.77 26.40 0.14
C PHE B 245 25.43 27.71 0.84
N PRO B 246 25.50 27.75 2.17
CA PRO B 246 25.10 28.98 2.89
C PRO B 246 25.81 30.24 2.42
N ASN B 247 27.10 30.16 2.07
CA ASN B 247 27.82 31.35 1.63
C ASN B 247 27.60 31.67 0.16
N GLY B 248 27.01 30.75 -0.60
CA GLY B 248 26.75 30.98 -2.01
C GLY B 248 27.90 30.69 -2.94
N ASN B 249 29.00 30.13 -2.44
CA ASN B 249 30.16 29.81 -3.26
C ASN B 249 30.18 28.36 -3.72
N ALA B 250 29.16 27.57 -3.37
CA ALA B 250 29.11 26.18 -3.77
C ALA B 250 27.65 25.73 -3.77
N PHE B 251 27.42 24.52 -4.25
CA PHE B 251 26.07 23.96 -4.26
C PHE B 251 26.18 22.43 -4.32
N ALA B 252 25.12 21.78 -3.85
CA ALA B 252 25.03 20.33 -3.86
C ALA B 252 23.85 19.89 -4.73
N THR B 253 23.94 18.67 -5.25
CA THR B 253 22.92 18.14 -6.15
C THR B 253 22.54 16.73 -5.72
N GLY B 254 21.30 16.36 -6.03
CA GLY B 254 20.83 15.02 -5.80
C GLY B 254 20.38 14.37 -7.09
N SER B 255 20.92 13.20 -7.40
CA SER B 255 20.70 12.55 -8.69
C SER B 255 20.08 11.17 -8.49
N ASP B 256 19.66 10.58 -9.61
CA ASP B 256 19.14 9.22 -9.63
C ASP B 256 20.24 8.17 -9.65
N ASP B 257 21.51 8.58 -9.78
CA ASP B 257 22.63 7.66 -9.72
C ASP B 257 23.01 7.32 -8.28
N ALA B 258 22.15 7.62 -7.31
CA ALA B 258 22.34 7.32 -5.90
C ALA B 258 23.53 8.04 -5.28
N THR B 259 23.95 9.16 -5.86
CA THR B 259 25.08 9.92 -5.35
C THR B 259 24.70 11.38 -5.19
N CYS B 260 25.31 12.03 -4.20
CA CYS B 260 25.27 13.47 -4.05
C CYS B 260 26.66 14.04 -4.31
N ARG B 261 26.71 15.19 -4.96
CA ARG B 261 27.98 15.81 -5.34
C ARG B 261 27.98 17.27 -4.94
N LEU B 262 29.17 17.77 -4.58
CA LEU B 262 29.37 19.15 -4.20
C LEU B 262 30.22 19.84 -5.26
N PHE B 263 29.62 20.83 -5.93
CA PHE B 263 30.31 21.61 -6.94
C PHE B 263 30.62 23.00 -6.41
N ASP B 264 31.71 23.57 -6.91
CA ASP B 264 32.13 24.92 -6.51
C ASP B 264 31.92 25.87 -7.68
N LEU B 265 31.35 27.05 -7.37
CA LEU B 265 31.09 28.04 -8.41
C LEU B 265 32.39 28.63 -8.96
N ARG B 266 33.38 28.83 -8.09
CA ARG B 266 34.63 29.45 -8.51
C ARG B 266 35.64 28.46 -9.06
N ALA B 267 35.56 27.20 -8.67
CA ALA B 267 36.43 26.17 -9.21
C ALA B 267 35.88 25.54 -10.49
N ASP B 268 34.58 25.70 -10.75
CA ASP B 268 33.95 25.22 -11.98
C ASP B 268 34.08 23.70 -12.12
N GLN B 269 34.03 23.00 -10.99
CA GLN B 269 34.13 21.55 -10.98
C GLN B 269 33.66 21.03 -9.63
N GLU B 270 33.48 19.72 -9.54
CA GLU B 270 33.05 19.10 -8.31
C GLU B 270 34.21 18.95 -7.33
N LEU B 271 33.86 18.86 -6.05
CA LEU B 271 34.85 18.71 -4.99
C LEU B 271 34.73 17.43 -4.18
N MET B 272 33.54 16.84 -4.10
CA MET B 272 33.36 15.62 -3.33
C MET B 272 32.11 14.90 -3.82
N THR B 273 32.08 13.59 -3.55
CA THR B 273 30.95 12.74 -3.87
C THR B 273 30.45 12.08 -2.59
N TYR B 274 29.13 12.04 -2.43
CA TYR B 274 28.48 11.47 -1.25
C TYR B 274 27.70 10.23 -1.70
N SER B 275 28.35 9.08 -1.63
CA SER B 275 27.75 7.83 -2.09
C SER B 275 28.16 6.70 -1.15
N HIS B 276 27.58 5.53 -1.39
CA HIS B 276 27.89 4.33 -0.61
C HIS B 276 27.54 3.11 -1.43
N ASP B 277 28.21 1.99 -1.13
CA ASP B 277 27.97 0.76 -1.88
C ASP B 277 26.55 0.25 -1.67
N ASN B 278 26.04 0.36 -0.44
CA ASN B 278 24.70 -0.13 -0.10
C ASN B 278 23.61 0.89 -0.34
N ILE B 279 23.85 1.89 -1.18
CA ILE B 279 22.87 2.91 -1.52
C ILE B 279 22.67 2.89 -3.03
N ILE B 280 21.48 2.50 -3.47
CA ILE B 280 21.17 2.36 -4.88
C ILE B 280 19.90 3.10 -5.29
N CYS B 281 19.22 3.76 -4.36
CA CYS B 281 18.01 4.50 -4.67
C CYS B 281 18.35 5.95 -5.01
N GLY B 282 17.41 6.63 -5.66
CA GLY B 282 17.63 8.00 -6.05
C GLY B 282 17.41 8.98 -4.92
N ILE B 283 17.96 10.18 -5.10
CA ILE B 283 17.83 11.27 -4.13
C ILE B 283 16.73 12.20 -4.60
N THR B 284 15.77 12.49 -3.72
CA THR B 284 14.64 13.34 -4.06
C THR B 284 14.74 14.75 -3.52
N SER B 285 15.58 15.00 -2.51
CA SER B 285 15.68 16.31 -1.90
C SER B 285 17.01 16.42 -1.16
N VAL B 286 17.56 17.63 -1.15
CA VAL B 286 18.82 17.92 -0.46
C VAL B 286 18.69 19.26 0.26
N SER B 287 19.46 19.41 1.33
CA SER B 287 19.50 20.65 2.10
C SER B 287 20.71 20.65 3.01
N PHE B 288 21.29 21.83 3.18
CA PHE B 288 22.45 22.02 4.04
C PHE B 288 22.01 22.52 5.42
N SER B 289 22.86 22.29 6.41
CA SER B 289 22.64 22.88 7.72
C SER B 289 23.02 24.36 7.68
N LYS B 290 22.75 25.06 8.80
CA LYS B 290 23.04 26.48 8.85
C LYS B 290 24.52 26.75 8.67
N SER B 291 25.37 25.91 9.26
CA SER B 291 26.81 26.06 9.11
C SER B 291 27.36 25.44 7.83
N GLY B 292 26.52 24.72 7.08
CA GLY B 292 26.97 24.06 5.88
C GLY B 292 27.77 22.80 6.10
N ARG B 293 27.87 22.34 7.35
CA ARG B 293 28.65 21.15 7.66
C ARG B 293 27.88 19.86 7.42
N LEU B 294 26.55 19.90 7.48
CA LEU B 294 25.71 18.72 7.30
C LEU B 294 24.94 18.84 5.99
N LEU B 295 25.02 17.79 5.18
CA LEU B 295 24.27 17.70 3.93
C LEU B 295 23.22 16.60 4.11
N LEU B 296 21.97 17.01 4.33
CA LEU B 296 20.88 16.07 4.56
C LEU B 296 20.21 15.76 3.22
N ALA B 297 20.30 14.51 2.79
CA ALA B 297 19.71 14.06 1.54
C ALA B 297 18.58 13.10 1.80
N GLY B 298 17.51 13.22 1.01
CA GLY B 298 16.37 12.32 1.11
C GLY B 298 16.42 11.30 -0.02
N TYR B 299 16.14 10.04 0.33
CA TYR B 299 16.29 8.93 -0.59
C TYR B 299 14.94 8.24 -0.81
N ASP B 300 14.90 7.40 -1.83
CA ASP B 300 13.70 6.64 -2.14
C ASP B 300 13.49 5.47 -1.18
N ASP B 301 14.51 5.10 -0.40
CA ASP B 301 14.42 3.98 0.52
C ASP B 301 13.74 4.34 1.84
N PHE B 302 13.00 5.46 1.86
CA PHE B 302 12.22 5.96 2.99
C PHE B 302 13.11 6.55 4.07
N ASN B 303 14.40 6.71 3.82
CA ASN B 303 15.34 7.18 4.83
C ASN B 303 16.09 8.41 4.32
N CYS B 304 16.28 9.38 5.20
CA CYS B 304 17.12 10.54 4.93
C CYS B 304 18.47 10.36 5.61
N ASN B 305 19.54 10.56 4.86
CA ASN B 305 20.90 10.39 5.37
C ASN B 305 21.50 11.75 5.72
N VAL B 306 22.45 11.72 6.66
CA VAL B 306 23.18 12.91 7.08
C VAL B 306 24.63 12.72 6.67
N TRP B 307 25.13 13.63 5.84
CA TRP B 307 26.49 13.54 5.32
C TRP B 307 27.36 14.65 5.91
N ASP B 308 28.62 14.33 6.17
CA ASP B 308 29.61 15.34 6.52
C ASP B 308 30.08 16.00 5.22
N ALA B 309 29.72 17.27 5.03
CA ALA B 309 30.02 17.96 3.78
C ALA B 309 31.51 18.15 3.55
N LEU B 310 32.34 18.00 4.58
CA LEU B 310 33.77 18.20 4.46
C LEU B 310 34.56 16.89 4.36
N LYS B 311 34.05 15.80 4.90
CA LYS B 311 34.77 14.54 4.92
C LYS B 311 34.02 13.41 4.21
N ALA B 312 32.89 13.71 3.58
CA ALA B 312 32.10 12.76 2.79
C ALA B 312 31.61 11.56 3.59
N ASP B 313 31.71 11.60 4.92
CA ASP B 313 31.27 10.49 5.75
C ASP B 313 29.79 10.65 6.09
N ARG B 314 29.17 9.54 6.46
CA ARG B 314 27.79 9.54 6.91
C ARG B 314 27.75 9.66 8.43
N ALA B 315 27.00 10.65 8.92
CA ALA B 315 26.95 10.94 10.36
C ALA B 315 25.68 10.43 11.03
N GLY B 316 24.57 10.37 10.31
CA GLY B 316 23.33 9.90 10.91
C GLY B 316 22.32 9.55 9.83
N VAL B 317 21.18 9.04 10.28
CA VAL B 317 20.10 8.61 9.41
C VAL B 317 18.78 9.04 10.03
N LEU B 318 17.90 9.62 9.21
CA LEU B 318 16.53 9.95 9.61
C LEU B 318 15.61 8.91 8.97
N ALA B 319 15.16 7.95 9.76
CA ALA B 319 14.44 6.80 9.24
C ALA B 319 13.04 6.67 9.82
N GLY B 320 12.29 7.77 9.87
CA GLY B 320 10.97 7.75 10.48
C GLY B 320 9.81 7.55 9.52
N HIS B 321 10.05 7.74 8.23
CA HIS B 321 8.97 7.71 7.24
C HIS B 321 8.74 6.30 6.73
N ASP B 322 7.50 6.04 6.31
CA ASP B 322 7.11 4.73 5.80
C ASP B 322 7.09 4.65 4.28
N ASN B 323 6.90 5.76 3.59
CA ASN B 323 6.86 5.80 2.13
C ASN B 323 8.01 6.66 1.61
N ARG B 324 8.01 6.90 0.31
CA ARG B 324 9.12 7.60 -0.35
C ARG B 324 9.26 9.02 0.20
N VAL B 325 10.47 9.34 0.65
CA VAL B 325 10.78 10.69 1.12
C VAL B 325 10.85 11.61 -0.09
N SER B 326 9.92 12.56 -0.17
CA SER B 326 9.78 13.41 -1.34
C SER B 326 10.39 14.79 -1.18
N CYS B 327 10.61 15.25 0.05
CA CYS B 327 11.10 16.60 0.27
C CYS B 327 11.69 16.70 1.67
N LEU B 328 12.59 17.68 1.83
CA LEU B 328 13.18 17.98 3.13
C LEU B 328 13.75 19.38 3.08
N GLY B 329 13.83 20.03 4.24
CA GLY B 329 14.34 21.37 4.31
C GLY B 329 14.73 21.82 5.71
N VAL B 330 15.85 22.50 5.83
CA VAL B 330 16.32 23.04 7.10
C VAL B 330 15.81 24.47 7.23
N THR B 331 15.44 24.85 8.45
CA THR B 331 14.98 26.19 8.71
C THR B 331 16.11 27.20 8.57
N ASP B 332 15.75 28.49 8.49
CA ASP B 332 16.76 29.53 8.37
C ASP B 332 17.64 29.59 9.62
N ASP B 333 17.04 29.44 10.80
CA ASP B 333 17.82 29.45 12.03
C ASP B 333 18.60 28.15 12.20
N GLY B 334 18.23 27.10 11.47
CA GLY B 334 18.91 25.83 11.56
C GLY B 334 18.47 24.93 12.69
N MET B 335 17.34 25.24 13.34
CA MET B 335 16.91 24.46 14.50
C MET B 335 16.44 23.07 14.09
N ALA B 336 15.49 23.01 13.16
CA ALA B 336 14.79 21.77 12.85
C ALA B 336 14.89 21.44 11.37
N VAL B 337 14.39 20.26 11.01
CA VAL B 337 14.36 19.77 9.64
C VAL B 337 13.00 19.11 9.41
N ALA B 338 12.22 19.67 8.49
CA ALA B 338 10.94 19.10 8.11
C ALA B 338 11.12 18.19 6.91
N THR B 339 10.61 16.97 7.01
CA THR B 339 10.72 15.97 5.96
C THR B 339 9.33 15.49 5.56
N GLY B 340 8.99 15.66 4.29
CA GLY B 340 7.73 15.17 3.76
C GLY B 340 7.92 13.87 3.00
N SER B 341 6.88 13.04 2.99
CA SER B 341 6.93 11.74 2.36
C SER B 341 5.62 11.46 1.65
N TRP B 342 5.61 10.36 0.88
CA TRP B 342 4.42 9.96 0.17
C TRP B 342 3.36 9.34 1.07
N ASP B 343 3.69 9.04 2.33
CA ASP B 343 2.74 8.49 3.27
C ASP B 343 1.82 9.54 3.86
N SER B 344 1.80 10.75 3.30
CA SER B 344 0.94 11.88 3.68
C SER B 344 1.32 12.47 5.04
N PHE B 345 2.52 12.20 5.54
CA PHE B 345 2.94 12.67 6.86
C PHE B 345 4.18 13.53 6.76
N LEU B 346 4.19 14.63 7.52
CA LEU B 346 5.37 15.47 7.67
C LEU B 346 5.94 15.28 9.07
N LYS B 347 7.27 15.22 9.15
CA LYS B 347 7.95 14.96 10.41
C LYS B 347 9.02 16.02 10.63
N ILE B 348 8.98 16.65 11.80
CA ILE B 348 9.98 17.65 12.18
C ILE B 348 11.06 16.95 12.97
N TRP B 349 12.32 17.17 12.57
CA TRP B 349 13.47 16.50 13.18
C TRP B 349 14.34 17.53 13.87
N ASN B 350 14.97 17.11 14.96
CA ASN B 350 15.86 18.00 15.72
C ASN B 350 16.83 17.18 16.57
N SER C 8 17.65 23.10 -36.75
CA SER C 8 18.41 21.84 -36.70
C SER C 8 19.91 22.12 -36.60
N ILE C 9 20.40 23.02 -37.43
CA ILE C 9 21.81 23.37 -37.45
C ILE C 9 22.09 24.64 -36.65
N ALA C 10 21.14 25.58 -36.63
CA ALA C 10 21.33 26.81 -35.88
C ALA C 10 21.40 26.58 -34.38
N GLN C 11 20.84 25.47 -33.88
CA GLN C 11 20.94 25.17 -32.46
C GLN C 11 22.35 24.73 -32.09
N ALA C 12 23.08 24.11 -33.04
CA ALA C 12 24.47 23.77 -32.78
C ALA C 12 25.34 25.01 -32.65
N ARG C 13 24.97 26.09 -33.33
CA ARG C 13 25.68 27.36 -33.14
C ARG C 13 25.47 27.90 -31.74
N LYS C 14 24.27 27.73 -31.19
CA LYS C 14 24.01 28.18 -29.82
C LYS C 14 24.79 27.35 -28.80
N LEU C 15 24.98 26.05 -29.07
CA LEU C 15 25.77 25.23 -28.17
C LEU C 15 27.23 25.65 -28.18
N VAL C 16 27.76 26.01 -29.35
CA VAL C 16 29.16 26.42 -29.44
C VAL C 16 29.36 27.78 -28.78
N GLU C 17 28.50 28.75 -29.10
CA GLU C 17 28.67 30.10 -28.57
C GLU C 17 28.47 30.12 -27.05
N GLN C 18 27.57 29.29 -26.53
CA GLN C 18 27.42 29.19 -25.09
C GLN C 18 28.69 28.65 -24.44
N LEU C 19 29.36 27.71 -25.11
CA LEU C 19 30.61 27.17 -24.58
C LEU C 19 31.75 28.18 -24.70
N LYS C 20 31.69 29.07 -25.70
CA LYS C 20 32.69 30.12 -25.82
C LYS C 20 32.72 31.00 -24.58
N MET C 21 31.54 31.36 -24.07
CA MET C 21 31.49 32.19 -22.87
C MET C 21 31.91 31.40 -21.63
N GLU C 22 31.44 30.16 -21.50
CA GLU C 22 31.75 29.36 -20.33
C GLU C 22 33.24 29.00 -20.22
N ALA C 23 33.96 29.03 -21.33
CA ALA C 23 35.41 28.83 -21.29
C ALA C 23 36.16 30.09 -20.88
N ASN C 24 35.54 31.25 -21.01
CA ASN C 24 36.18 32.53 -20.71
C ASN C 24 35.83 32.97 -19.29
N ILE C 25 36.31 32.19 -18.32
CA ILE C 25 36.12 32.49 -16.91
C ILE C 25 37.42 32.22 -16.16
N ASP C 26 37.56 32.89 -15.01
CA ASP C 26 38.72 32.73 -14.15
C ASP C 26 38.40 31.71 -13.07
N ARG C 27 39.13 30.60 -13.04
CA ARG C 27 38.88 29.50 -12.12
C ARG C 27 39.95 29.50 -11.05
N ILE C 28 39.52 29.60 -9.78
CA ILE C 28 40.46 29.49 -8.68
C ILE C 28 40.88 28.04 -8.50
N LYS C 29 41.94 27.84 -7.72
CA LYS C 29 42.43 26.50 -7.47
C LYS C 29 41.46 25.73 -6.58
N VAL C 30 41.56 24.40 -6.61
CA VAL C 30 40.72 23.57 -5.76
C VAL C 30 41.16 23.68 -4.31
N SER C 31 42.48 23.74 -4.07
CA SER C 31 42.98 23.88 -2.71
C SER C 31 42.51 25.17 -2.08
N LYS C 32 42.34 26.24 -2.87
CA LYS C 32 41.82 27.49 -2.33
C LYS C 32 40.32 27.42 -2.13
N ALA C 33 39.61 26.74 -3.03
CA ALA C 33 38.16 26.59 -2.88
C ALA C 33 37.82 25.65 -1.72
N ALA C 34 38.66 24.66 -1.45
CA ALA C 34 38.43 23.77 -0.33
C ALA C 34 38.76 24.44 0.99
N ALA C 35 39.64 25.45 0.98
CA ALA C 35 40.01 26.14 2.21
C ALA C 35 38.96 27.18 2.60
N ASP C 36 38.39 27.88 1.61
CA ASP C 36 37.37 28.88 1.91
C ASP C 36 36.02 28.26 2.24
N LEU C 37 35.79 27.01 1.84
CA LEU C 37 34.58 26.31 2.28
C LEU C 37 34.74 25.73 3.68
N MET C 38 35.97 25.35 4.04
CA MET C 38 36.23 24.87 5.39
C MET C 38 36.27 26.00 6.40
N ALA C 39 36.74 27.18 5.99
CA ALA C 39 36.77 28.33 6.89
C ALA C 39 35.37 28.80 7.24
N TYR C 40 34.43 28.71 6.29
CA TYR C 40 33.05 29.02 6.59
C TYR C 40 32.42 27.98 7.51
N CYS C 41 32.88 26.73 7.43
CA CYS C 41 32.37 25.69 8.30
C CYS C 41 32.90 25.85 9.72
N GLU C 42 34.20 26.10 9.87
CA GLU C 42 34.79 26.27 11.18
C GLU C 42 34.32 27.54 11.89
N ALA C 43 33.86 28.53 11.13
CA ALA C 43 33.44 29.79 11.74
C ALA C 43 32.04 29.68 12.35
N HIS C 44 31.06 29.30 11.54
CA HIS C 44 29.66 29.21 11.97
C HIS C 44 29.34 27.88 12.65
N ALA C 45 30.35 27.15 13.12
CA ALA C 45 30.09 25.84 13.72
C ALA C 45 29.31 25.97 15.02
N LYS C 46 29.74 26.86 15.92
CA LYS C 46 29.04 27.05 17.18
C LYS C 46 27.66 27.66 17.01
N GLU C 47 27.34 28.19 15.84
CA GLU C 47 26.02 28.73 15.54
C GLU C 47 25.15 27.75 14.76
N ASP C 48 25.46 26.45 14.83
CA ASP C 48 24.73 25.42 14.10
C ASP C 48 23.93 24.59 15.07
N PRO C 49 22.60 24.75 15.15
CA PRO C 49 21.81 23.94 16.10
C PRO C 49 21.81 22.46 15.77
N LEU C 50 21.84 22.10 14.47
CA LEU C 50 21.82 20.69 14.11
C LEU C 50 23.14 20.01 14.42
N LEU C 51 24.25 20.74 14.34
CA LEU C 51 25.56 20.12 14.53
C LEU C 51 25.79 19.69 15.96
N THR C 52 25.16 20.35 16.92
CA THR C 52 25.31 20.00 18.33
C THR C 52 23.97 20.12 19.05
N PRO C 53 23.51 19.06 19.70
CA PRO C 53 22.21 19.13 20.38
C PRO C 53 22.22 20.16 21.52
N VAL C 54 21.41 21.19 21.36
CA VAL C 54 21.28 22.25 22.35
C VAL C 54 20.59 21.67 23.60
N PRO C 55 20.70 22.32 24.76
CA PRO C 55 19.95 21.83 25.93
C PRO C 55 18.46 21.97 25.74
N ALA C 56 17.71 21.22 26.53
CA ALA C 56 16.26 21.27 26.46
C ALA C 56 15.74 22.64 26.88
N SER C 57 14.51 22.94 26.46
CA SER C 57 13.79 24.20 26.68
C SER C 57 14.40 25.37 25.95
N GLU C 58 15.53 25.19 25.27
CA GLU C 58 16.07 26.21 24.37
C GLU C 58 15.67 25.98 22.93
N ASN C 59 15.45 24.73 22.54
CA ASN C 59 14.87 24.41 21.24
C ASN C 59 13.35 24.41 21.34
N PRO C 60 12.65 25.08 20.43
CA PRO C 60 11.18 25.16 20.53
C PRO C 60 10.46 23.85 20.21
N PHE C 61 11.18 22.75 20.03
CA PHE C 61 10.60 21.46 19.70
C PHE C 61 10.83 20.44 20.82
N ARG C 62 10.62 20.88 22.07
CA ARG C 62 10.79 20.01 23.24
C ARG C 62 9.98 18.73 23.14
N GLN D 1 30.82 13.70 -17.54
CA GLN D 1 29.72 13.94 -18.46
C GLN D 1 29.34 12.67 -19.21
N VAL D 2 28.04 12.38 -19.25
CA VAL D 2 27.55 11.20 -19.95
C VAL D 2 27.66 11.44 -21.45
N GLN D 3 28.51 10.66 -22.11
CA GLN D 3 28.74 10.80 -23.54
C GLN D 3 28.67 9.45 -24.23
N LEU D 4 27.97 9.41 -25.35
CA LEU D 4 27.84 8.20 -26.16
C LEU D 4 28.25 8.54 -27.59
N GLN D 5 29.24 7.82 -28.10
CA GLN D 5 29.80 8.07 -29.43
C GLN D 5 29.65 6.81 -30.27
N GLU D 6 28.91 6.92 -31.37
CA GLU D 6 28.69 5.80 -32.28
C GLU D 6 29.78 5.76 -33.33
N SER D 7 30.39 4.59 -33.50
CA SER D 7 31.44 4.38 -34.49
C SER D 7 30.97 3.37 -35.53
N GLY D 8 31.66 3.36 -36.66
CA GLY D 8 31.31 2.49 -37.76
C GLY D 8 30.08 2.98 -38.51
N GLY D 9 29.79 2.29 -39.60
CA GLY D 9 28.66 2.63 -40.45
C GLY D 9 29.10 3.11 -41.82
N GLY D 10 28.10 3.54 -42.60
CA GLY D 10 28.30 4.03 -43.94
C GLY D 10 27.36 3.35 -44.90
N LEU D 11 27.54 3.65 -46.19
CA LEU D 11 26.70 3.05 -47.21
C LEU D 11 27.04 1.58 -47.40
N VAL D 12 26.03 0.78 -47.72
CA VAL D 12 26.20 -0.65 -47.86
C VAL D 12 25.25 -1.15 -48.94
N GLN D 13 25.66 -2.21 -49.64
CA GLN D 13 24.84 -2.81 -50.68
C GLN D 13 23.75 -3.67 -50.05
N PRO D 14 22.65 -3.88 -50.77
CA PRO D 14 21.58 -4.75 -50.24
C PRO D 14 22.09 -6.14 -49.94
N GLY D 15 21.71 -6.65 -48.77
CA GLY D 15 22.19 -7.93 -48.30
C GLY D 15 23.52 -7.91 -47.61
N GLY D 16 24.15 -6.74 -47.48
CA GLY D 16 25.43 -6.64 -46.81
C GLY D 16 25.30 -6.72 -45.30
N SER D 17 26.40 -6.40 -44.64
CA SER D 17 26.48 -6.45 -43.18
C SER D 17 27.27 -5.26 -42.66
N LEU D 18 26.86 -4.75 -41.50
CA LEU D 18 27.51 -3.60 -40.88
C LEU D 18 27.51 -3.77 -39.37
N ARG D 19 28.64 -3.45 -38.74
CA ARG D 19 28.80 -3.54 -37.30
C ARG D 19 28.95 -2.15 -36.72
N LEU D 20 28.05 -1.78 -35.82
CA LEU D 20 28.06 -0.48 -35.18
C LEU D 20 28.55 -0.60 -33.74
N SER D 21 29.40 0.33 -33.32
CA SER D 21 29.91 0.38 -31.97
C SER D 21 29.42 1.63 -31.26
N CYS D 22 29.55 1.65 -29.93
CA CYS D 22 29.08 2.76 -29.12
C CYS D 22 30.01 2.88 -27.92
N ALA D 23 30.92 3.86 -27.97
CA ALA D 23 31.86 4.10 -26.88
C ALA D 23 31.18 4.97 -25.82
N ALA D 24 31.13 4.47 -24.59
CA ALA D 24 30.48 5.17 -23.49
C ALA D 24 31.51 5.78 -22.55
N SER D 25 31.12 6.88 -21.91
CA SER D 25 31.99 7.56 -20.97
C SER D 25 31.15 8.43 -20.05
N GLY D 26 31.62 8.60 -18.82
CA GLY D 26 30.96 9.45 -17.85
C GLY D 26 29.89 8.78 -17.03
N PHE D 27 29.82 7.45 -17.02
CA PHE D 27 28.86 6.73 -16.21
C PHE D 27 29.28 5.28 -16.14
N THR D 28 28.81 4.60 -15.09
CA THR D 28 29.09 3.17 -14.91
C THR D 28 28.28 2.37 -15.93
N PHE D 29 28.96 1.84 -16.94
CA PHE D 29 28.28 1.18 -18.04
C PHE D 29 27.53 -0.08 -17.58
N SER D 30 28.00 -0.71 -16.50
CA SER D 30 27.41 -1.97 -16.08
C SER D 30 26.06 -1.81 -15.40
N ASN D 31 25.71 -0.60 -14.97
CA ASN D 31 24.49 -0.38 -14.21
C ASN D 31 23.30 0.00 -15.07
N TYR D 32 23.47 0.15 -16.38
CA TYR D 32 22.43 0.66 -17.25
C TYR D 32 22.08 -0.32 -18.35
N LYS D 33 20.81 -0.31 -18.74
CA LYS D 33 20.34 -1.05 -19.90
C LYS D 33 20.52 -0.19 -21.14
N MET D 34 21.20 -0.73 -22.15
CA MET D 34 21.51 0.01 -23.36
C MET D 34 20.51 -0.33 -24.46
N ASN D 35 20.22 0.68 -25.29
CA ASN D 35 19.22 0.54 -26.35
C ASN D 35 19.82 0.95 -27.69
N TRP D 36 19.14 0.55 -28.75
CA TRP D 36 19.44 1.00 -30.11
C TRP D 36 18.17 1.55 -30.72
N VAL D 37 18.22 2.77 -31.24
CA VAL D 37 17.09 3.40 -31.90
C VAL D 37 17.55 3.94 -33.24
N ARG D 38 16.58 4.19 -34.13
CA ARG D 38 16.89 4.65 -35.47
C ARG D 38 15.82 5.63 -35.92
N GLN D 39 16.16 6.42 -36.95
CA GLN D 39 15.25 7.41 -37.49
C GLN D 39 15.34 7.37 -39.01
N ALA D 40 14.33 6.78 -39.65
CA ALA D 40 14.28 6.72 -41.10
C ALA D 40 14.01 8.12 -41.68
N PRO D 41 14.44 8.36 -42.91
CA PRO D 41 14.13 9.66 -43.54
C PRO D 41 12.64 9.86 -43.71
N GLY D 42 12.14 10.99 -43.22
CA GLY D 42 10.72 11.26 -43.27
C GLY D 42 9.89 10.44 -42.30
N LYS D 43 10.46 10.13 -41.13
CA LYS D 43 9.75 9.35 -40.11
C LYS D 43 10.40 9.62 -38.77
N GLY D 44 9.64 9.37 -37.70
CA GLY D 44 10.12 9.58 -36.36
C GLY D 44 11.04 8.46 -35.89
N LEU D 45 11.47 8.57 -34.64
CA LEU D 45 12.37 7.59 -34.05
C LEU D 45 11.63 6.28 -33.80
N GLU D 46 12.34 5.17 -33.99
CA GLU D 46 11.79 3.84 -33.81
C GLU D 46 12.77 2.99 -33.03
N TRP D 47 12.28 2.33 -31.98
CA TRP D 47 13.13 1.46 -31.18
C TRP D 47 13.53 0.23 -31.98
N VAL D 48 14.77 -0.24 -31.77
CA VAL D 48 15.33 -1.35 -32.51
C VAL D 48 15.65 -2.53 -31.59
N SER D 49 16.45 -2.30 -30.56
CA SER D 49 16.87 -3.38 -29.68
C SER D 49 17.31 -2.82 -28.34
N ASP D 50 17.44 -3.71 -27.36
CA ASP D 50 17.94 -3.35 -26.04
C ASP D 50 18.59 -4.56 -25.41
N ILE D 51 19.50 -4.31 -24.47
CA ILE D 51 20.23 -5.35 -23.76
C ILE D 51 20.33 -4.96 -22.30
N SER D 52 20.19 -5.95 -21.40
CA SER D 52 20.18 -5.67 -19.98
C SER D 52 21.58 -5.31 -19.49
N GLN D 53 21.68 -5.11 -18.17
CA GLN D 53 22.94 -4.72 -17.53
C GLN D 53 24.04 -5.75 -17.80
N SER D 54 23.80 -7.00 -17.42
CA SER D 54 24.79 -8.05 -17.64
C SER D 54 24.80 -8.54 -19.08
N GLY D 55 23.64 -8.59 -19.73
CA GLY D 55 23.56 -9.04 -21.10
C GLY D 55 22.64 -10.23 -21.28
N ALA D 56 21.83 -10.52 -20.26
CA ALA D 56 20.95 -11.67 -20.31
C ALA D 56 19.68 -11.36 -21.09
N SER D 57 18.90 -10.39 -20.63
CA SER D 57 17.64 -10.04 -21.25
C SER D 57 17.91 -9.25 -22.52
N ILE D 58 17.66 -9.87 -23.68
CA ILE D 58 17.86 -9.26 -24.98
C ILE D 58 16.55 -9.26 -25.73
N SER D 59 16.24 -8.14 -26.40
CA SER D 59 15.00 -8.00 -27.15
C SER D 59 15.25 -7.18 -28.39
N TYR D 60 14.57 -7.55 -29.48
CA TYR D 60 14.64 -6.83 -30.75
C TYR D 60 13.24 -6.52 -31.22
N THR D 61 13.15 -5.55 -32.13
CA THR D 61 11.89 -5.31 -32.82
C THR D 61 11.68 -6.38 -33.89
N GLY D 62 10.42 -6.57 -34.28
CA GLY D 62 10.07 -7.68 -35.14
C GLY D 62 10.66 -7.57 -36.53
N SER D 63 10.73 -6.35 -37.07
CA SER D 63 11.18 -6.17 -38.45
C SER D 63 12.65 -6.54 -38.64
N VAL D 64 13.44 -6.56 -37.57
CA VAL D 64 14.86 -6.89 -37.65
C VAL D 64 15.22 -8.14 -36.85
N LYS D 65 14.22 -8.84 -36.31
CA LYS D 65 14.48 -10.02 -35.49
C LYS D 65 15.12 -11.12 -36.34
N GLY D 66 16.12 -11.77 -35.77
CA GLY D 66 16.87 -12.80 -36.46
C GLY D 66 17.96 -12.31 -37.36
N ARG D 67 18.06 -11.00 -37.60
CA ARG D 67 19.09 -10.42 -38.45
C ARG D 67 20.06 -9.52 -37.68
N PHE D 68 19.57 -8.80 -36.68
CA PHE D 68 20.42 -7.96 -35.84
C PHE D 68 20.70 -8.68 -34.53
N THR D 69 21.93 -8.54 -34.03
CA THR D 69 22.33 -9.11 -32.76
C THR D 69 23.08 -8.05 -31.95
N ILE D 70 22.56 -7.74 -30.77
CA ILE D 70 23.14 -6.70 -29.91
C ILE D 70 24.03 -7.37 -28.88
N SER D 71 25.13 -6.70 -28.55
CA SER D 71 26.06 -7.21 -27.54
C SER D 71 26.72 -6.03 -26.84
N ARG D 72 27.29 -6.31 -25.68
CA ARG D 72 27.93 -5.28 -24.88
C ARG D 72 29.12 -5.88 -24.13
N ASP D 73 30.11 -5.04 -23.88
CA ASP D 73 31.29 -5.40 -23.09
C ASP D 73 31.40 -4.42 -21.94
N ASN D 74 31.10 -4.89 -20.72
CA ASN D 74 31.14 -4.00 -19.57
C ASN D 74 32.56 -3.58 -19.22
N ALA D 75 33.54 -4.47 -19.46
CA ALA D 75 34.93 -4.16 -19.15
C ALA D 75 35.55 -3.16 -20.10
N LYS D 76 34.82 -2.70 -21.12
CA LYS D 76 35.33 -1.71 -22.05
C LYS D 76 34.36 -0.57 -22.30
N ASN D 77 33.18 -0.59 -21.68
CA ASN D 77 32.18 0.48 -21.81
C ASN D 77 31.81 0.69 -23.28
N THR D 78 31.43 -0.40 -23.94
CA THR D 78 31.10 -0.35 -25.36
C THR D 78 29.85 -1.17 -25.62
N LEU D 79 29.12 -0.77 -26.67
CA LEU D 79 27.89 -1.44 -27.10
C LEU D 79 27.98 -1.73 -28.58
N TYR D 80 27.57 -2.94 -28.96
CA TYR D 80 27.68 -3.39 -30.34
C TYR D 80 26.30 -3.68 -30.92
N LEU D 81 26.20 -3.55 -32.25
CA LEU D 81 24.99 -3.92 -32.99
C LEU D 81 25.46 -4.51 -34.32
N GLN D 82 25.60 -5.84 -34.36
CA GLN D 82 25.99 -6.53 -35.58
C GLN D 82 24.76 -6.70 -36.46
N MET D 83 24.77 -6.04 -37.63
CA MET D 83 23.65 -6.04 -38.55
C MET D 83 23.97 -6.96 -39.73
N ASN D 84 23.11 -7.94 -39.96
CA ASN D 84 23.28 -8.90 -41.04
C ASN D 84 22.03 -8.92 -41.90
N SER D 85 22.21 -9.27 -43.19
CA SER D 85 21.13 -9.38 -44.15
C SER D 85 20.34 -8.07 -44.23
N LEU D 86 21.06 -6.99 -44.53
CA LEU D 86 20.46 -5.67 -44.53
C LEU D 86 19.54 -5.49 -45.74
N LYS D 87 18.46 -4.75 -45.52
CA LYS D 87 17.45 -4.43 -46.51
C LYS D 87 17.46 -2.95 -46.84
N PRO D 88 17.06 -2.55 -48.05
CA PRO D 88 17.01 -1.12 -48.38
C PRO D 88 16.06 -0.33 -47.51
N GLU D 89 15.07 -0.98 -46.88
CA GLU D 89 14.16 -0.29 -45.97
C GLU D 89 14.81 0.00 -44.62
N ASP D 90 16.02 -0.50 -44.38
CA ASP D 90 16.74 -0.27 -43.13
C ASP D 90 17.67 0.94 -43.20
N THR D 91 17.43 1.87 -44.12
CA THR D 91 18.25 3.07 -44.25
C THR D 91 17.77 4.09 -43.22
N ALA D 92 18.59 4.35 -42.22
CA ALA D 92 18.23 5.27 -41.16
C ALA D 92 19.47 5.66 -40.38
N VAL D 93 19.35 6.73 -39.61
CA VAL D 93 20.41 7.13 -38.68
C VAL D 93 20.20 6.38 -37.36
N TYR D 94 21.18 5.58 -36.98
CA TYR D 94 21.09 4.72 -35.81
C TYR D 94 21.77 5.39 -34.62
N TYR D 95 21.04 5.50 -33.51
CA TYR D 95 21.51 6.18 -32.31
C TYR D 95 21.74 5.17 -31.19
N CYS D 96 22.78 5.41 -30.40
CA CYS D 96 23.05 4.62 -29.21
C CYS D 96 22.40 5.32 -28.01
N ALA D 97 21.38 4.69 -27.44
CA ALA D 97 20.60 5.28 -26.37
C ALA D 97 20.82 4.51 -25.06
N ARG D 98 20.73 5.22 -23.95
CA ARG D 98 20.87 4.64 -22.62
C ARG D 98 19.58 4.87 -21.83
N CYS D 99 19.21 3.88 -21.02
CA CYS D 99 18.05 4.06 -20.15
C CYS D 99 18.34 5.14 -19.12
N PRO D 100 17.31 5.88 -18.68
CA PRO D 100 17.55 7.04 -17.82
C PRO D 100 18.18 6.70 -16.47
N ALA D 101 17.55 5.81 -15.72
CA ALA D 101 18.02 5.52 -14.39
C ALA D 101 18.62 4.12 -14.30
N PRO D 102 19.66 3.94 -13.49
CA PRO D 102 20.27 2.62 -13.35
C PRO D 102 19.45 1.70 -12.45
N PHE D 103 19.69 0.40 -12.62
CA PHE D 103 19.08 -0.67 -11.85
C PHE D 103 17.57 -0.76 -12.01
N THR D 104 16.99 0.00 -12.94
CA THR D 104 15.55 0.02 -13.12
C THR D 104 15.13 -0.97 -14.20
N ARG D 105 13.93 -1.53 -14.03
CA ARG D 105 13.40 -2.45 -15.03
C ARG D 105 12.79 -1.71 -16.22
N ASP D 106 12.11 -0.60 -15.96
CA ASP D 106 11.53 0.20 -17.03
C ASP D 106 12.61 0.98 -17.77
N CYS D 107 12.25 1.47 -18.95
CA CYS D 107 13.16 2.30 -19.75
C CYS D 107 12.29 3.28 -20.52
N PHE D 108 12.17 4.49 -19.99
CA PHE D 108 11.27 5.50 -20.55
C PHE D 108 11.99 6.43 -21.50
N ASP D 109 11.23 6.95 -22.47
CA ASP D 109 11.58 8.11 -23.30
C ASP D 109 12.81 7.92 -24.18
N VAL D 110 13.26 6.68 -24.40
CA VAL D 110 14.45 6.47 -25.22
C VAL D 110 14.22 6.70 -26.69
N THR D 111 12.96 6.91 -27.11
CA THR D 111 12.64 7.19 -28.50
C THR D 111 12.00 8.57 -28.68
N SER D 112 12.16 9.45 -27.70
CA SER D 112 11.62 10.80 -27.80
C SER D 112 12.50 11.66 -28.70
N THR D 113 11.89 12.68 -29.31
CA THR D 113 12.62 13.56 -30.20
C THR D 113 13.78 14.24 -29.47
N THR D 114 13.63 14.50 -28.18
CA THR D 114 14.69 15.04 -27.35
C THR D 114 15.00 14.04 -26.24
N TYR D 115 16.27 13.68 -26.12
CA TYR D 115 16.71 12.73 -25.10
C TYR D 115 18.19 12.95 -24.84
N ALA D 116 18.55 13.20 -23.59
CA ALA D 116 19.93 13.59 -23.28
C ALA D 116 20.88 12.40 -23.40
N TYR D 117 20.49 11.24 -22.87
CA TYR D 117 21.37 10.07 -22.83
C TYR D 117 21.30 9.30 -24.15
N ARG D 118 21.60 10.00 -25.24
CA ARG D 118 21.56 9.43 -26.57
C ARG D 118 22.59 10.14 -27.43
N GLY D 119 23.42 9.36 -28.13
CA GLY D 119 24.51 9.92 -28.89
C GLY D 119 24.04 10.67 -30.12
N GLN D 120 25.04 11.11 -30.91
CA GLN D 120 24.74 11.88 -32.12
C GLN D 120 24.15 10.99 -33.22
N GLY D 121 24.56 9.74 -33.28
CA GLY D 121 24.04 8.82 -34.27
C GLY D 121 24.92 8.65 -35.49
N THR D 122 24.94 7.44 -36.05
CA THR D 122 25.72 7.14 -37.24
C THR D 122 24.79 6.85 -38.41
N GLN D 123 25.24 7.20 -39.61
CA GLN D 123 24.44 7.02 -40.82
C GLN D 123 24.62 5.62 -41.37
N VAL D 124 23.51 5.00 -41.77
CA VAL D 124 23.51 3.66 -42.37
C VAL D 124 22.63 3.73 -43.61
N THR D 125 23.25 3.76 -44.79
CA THR D 125 22.54 3.81 -46.05
C THR D 125 22.62 2.45 -46.74
N VAL D 126 21.46 1.92 -47.13
CA VAL D 126 21.38 0.65 -47.83
C VAL D 126 20.84 0.97 -49.23
N SER D 127 21.75 1.14 -50.19
CA SER D 127 21.36 1.49 -51.55
C SER D 127 22.44 1.01 -52.50
N SER D 128 22.15 1.11 -53.79
CA SER D 128 23.09 0.69 -54.84
C SER D 128 24.24 1.69 -54.97
N CYS E 1 -30.61 -24.92 26.43
CA CYS E 1 -30.00 -25.04 25.12
C CYS E 1 -29.00 -26.20 25.07
N GLY E 2 -29.23 -27.20 25.91
CA GLY E 2 -28.34 -28.35 25.97
C GLY E 2 -28.13 -29.03 24.63
N ASN E 3 -27.02 -29.74 24.49
CA ASN E 3 -26.66 -30.50 23.28
C ASN E 3 -26.36 -29.59 22.09
N LEU E 4 -26.03 -28.33 22.33
CA LEU E 4 -25.75 -27.37 21.29
C LEU E 4 -24.30 -26.91 21.35
N SER E 5 -23.80 -26.40 20.22
CA SER E 5 -22.41 -25.94 20.16
C SER E 5 -22.24 -24.60 20.86
N THR E 6 -23.11 -23.63 20.56
CA THR E 6 -23.02 -22.33 21.21
C THR E 6 -23.33 -22.42 22.69
N CYS E 7 -24.14 -23.41 23.09
CA CYS E 7 -24.48 -23.67 24.48
C CYS E 7 -23.68 -24.83 25.05
N MET E 8 -22.42 -24.96 24.62
CA MET E 8 -21.59 -26.08 25.06
C MET E 8 -20.83 -25.76 26.34
N LEU E 9 -20.37 -24.53 26.50
CA LEU E 9 -19.66 -24.16 27.72
C LEU E 9 -20.60 -24.20 28.93
N GLY E 10 -21.80 -23.65 28.78
CA GLY E 10 -22.79 -23.73 29.86
C GLY E 10 -23.13 -25.17 30.21
N THR E 11 -23.16 -26.05 29.21
CA THR E 11 -23.36 -27.47 29.48
C THR E 11 -22.20 -28.06 30.27
N TYR E 12 -20.99 -27.54 30.06
CA TYR E 12 -19.83 -28.06 30.79
C TYR E 12 -19.81 -27.52 32.22
N THR E 13 -20.07 -26.23 32.42
CA THR E 13 -20.12 -25.68 33.76
C THR E 13 -21.28 -26.27 34.57
N GLN E 14 -22.35 -26.70 33.89
CA GLN E 14 -23.44 -27.37 34.61
C GLN E 14 -23.03 -28.77 35.06
N ASP E 15 -22.35 -29.51 34.19
CA ASP E 15 -21.95 -30.87 34.53
C ASP E 15 -20.77 -30.88 35.50
N PHE E 16 -19.76 -30.05 35.26
CA PHE E 16 -18.59 -30.02 36.13
C PHE E 16 -18.91 -29.54 37.53
N ASN E 17 -19.99 -28.77 37.70
CA ASN E 17 -20.37 -28.29 39.02
C ASN E 17 -21.08 -29.37 39.83
N LYS E 18 -21.75 -30.31 39.16
CA LYS E 18 -22.47 -31.38 39.86
C LYS E 18 -21.56 -32.37 40.55
N PHE E 19 -20.23 -32.28 40.34
CA PHE E 19 -19.31 -33.14 41.06
C PHE E 19 -18.96 -32.60 42.45
N HIS E 20 -19.09 -31.30 42.66
CA HIS E 20 -18.74 -30.67 43.93
C HIS E 20 -19.94 -30.18 44.72
N THR E 21 -21.06 -29.91 44.06
CA THR E 21 -22.24 -29.38 44.74
C THR E 21 -23.15 -30.47 45.30
N PHE E 22 -22.97 -31.73 44.88
CA PHE E 22 -23.82 -32.81 45.33
C PHE E 22 -22.98 -34.03 45.68
N PRO E 23 -23.31 -34.71 46.78
CA PRO E 23 -22.58 -35.93 47.16
C PRO E 23 -23.03 -37.13 46.35
N GLN E 24 -22.17 -38.15 46.33
CA GLN E 24 -22.45 -39.35 45.55
C GLN E 24 -23.68 -40.08 46.11
N THR E 25 -24.55 -40.51 45.20
CA THR E 25 -25.75 -41.21 45.60
C THR E 25 -25.42 -42.57 46.19
N ALA E 26 -26.08 -42.91 47.30
CA ALA E 26 -25.86 -44.19 47.96
C ALA E 26 -26.64 -45.28 47.25
N ILE E 27 -25.93 -46.20 46.59
CA ILE E 27 -26.54 -47.30 45.87
C ILE E 27 -26.30 -48.63 46.55
N GLY E 28 -25.71 -48.62 47.76
CA GLY E 28 -25.38 -49.85 48.44
C GLY E 28 -26.53 -50.38 49.29
N VAL E 29 -26.24 -50.62 50.57
CA VAL E 29 -27.27 -51.16 51.47
C VAL E 29 -28.38 -50.14 51.65
N GLY E 30 -29.62 -50.64 51.80
CA GLY E 30 -30.77 -49.80 51.99
C GLY E 30 -31.28 -49.11 50.74
N ALA E 31 -30.57 -49.21 49.62
CA ALA E 31 -31.00 -48.57 48.38
C ALA E 31 -32.17 -49.34 47.77
N PRO E 32 -32.88 -48.70 46.85
CA PRO E 32 -34.02 -49.34 46.18
C PRO E 32 -33.83 -49.54 44.68
N PRO F 46 -30.20 -28.14 45.78
CA PRO F 46 -31.42 -27.64 46.44
C PRO F 46 -32.59 -27.54 45.47
N PHE F 47 -32.51 -26.58 44.54
CA PHE F 47 -33.59 -26.42 43.56
C PHE F 47 -33.67 -27.63 42.63
N LEU F 48 -32.51 -28.21 42.29
CA LEU F 48 -32.52 -29.41 41.45
C LEU F 48 -33.17 -30.58 42.17
N TYR F 49 -33.01 -30.66 43.50
CA TYR F 49 -33.65 -31.72 44.25
C TYR F 49 -35.16 -31.54 44.28
N VAL F 50 -35.63 -30.29 44.30
CA VAL F 50 -37.06 -30.04 44.27
C VAL F 50 -37.66 -30.49 42.94
N VAL F 51 -36.98 -30.20 41.84
CA VAL F 51 -37.47 -30.62 40.53
C VAL F 51 -37.43 -32.13 40.39
N GLY F 52 -36.49 -32.78 41.07
CA GLY F 52 -36.37 -34.22 41.02
C GLY F 52 -37.37 -34.92 41.93
N ARG F 53 -37.73 -34.26 43.03
CA ARG F 53 -38.71 -34.85 43.94
C ARG F 53 -40.11 -34.84 43.34
N LYS F 54 -40.47 -33.75 42.66
CA LYS F 54 -41.77 -33.68 42.00
C LYS F 54 -41.84 -34.66 40.84
N LYS F 55 -40.72 -34.90 40.17
CA LYS F 55 -40.70 -35.85 39.06
C LYS F 55 -40.93 -37.27 39.57
N MET F 56 -40.40 -37.60 40.74
CA MET F 56 -40.60 -38.93 41.31
C MET F 56 -42.08 -39.16 41.65
N MET F 57 -42.79 -38.11 42.06
CA MET F 57 -44.20 -38.24 42.36
C MET F 57 -45.00 -38.53 41.09
N ASP F 58 -44.59 -37.96 39.97
CA ASP F 58 -45.28 -38.22 38.70
C ASP F 58 -45.13 -39.67 38.28
N ALA F 59 -43.93 -40.22 38.44
CA ALA F 59 -43.70 -41.62 38.07
C ALA F 59 -44.48 -42.56 39.00
N GLN F 60 -44.55 -42.22 40.29
CA GLN F 60 -45.30 -43.06 41.23
C GLN F 60 -46.79 -43.01 40.93
N TYR F 61 -47.32 -41.84 40.59
CA TYR F 61 -48.75 -41.72 40.29
C TYR F 61 -49.11 -42.42 39.00
N LYS F 62 -48.20 -42.46 38.03
CA LYS F 62 -48.52 -43.05 36.73
C LYS F 62 -48.74 -44.55 36.84
N CYS F 63 -47.77 -45.28 37.41
CA CYS F 63 -47.94 -46.73 37.51
C CYS F 63 -48.94 -47.09 38.60
N TYR F 64 -49.23 -46.16 39.50
CA TYR F 64 -50.34 -46.35 40.44
C TYR F 64 -51.66 -46.47 39.69
N ASP F 65 -51.81 -45.70 38.61
CA ASP F 65 -52.98 -45.86 37.75
C ASP F 65 -52.86 -47.12 36.90
N ARG F 66 -51.63 -47.46 36.48
CA ARG F 66 -51.43 -48.65 35.68
C ARG F 66 -51.77 -49.91 36.46
N MET F 67 -51.44 -49.93 37.76
CA MET F 67 -51.79 -51.08 38.59
C MET F 67 -53.31 -51.20 38.73
N GLN F 68 -53.99 -50.07 38.84
CA GLN F 68 -55.45 -50.05 38.97
C GLN F 68 -56.10 -49.98 37.60
N TYR F 79 -42.50 -66.06 38.95
CA TYR F 79 -43.47 -65.01 38.68
C TYR F 79 -43.31 -63.87 39.68
N CYS F 80 -43.29 -62.65 39.17
CA CYS F 80 -43.14 -61.45 39.98
C CYS F 80 -44.47 -60.69 40.03
N ASN F 81 -44.47 -59.56 40.73
CA ASN F 81 -45.67 -58.75 40.89
C ASN F 81 -45.41 -57.28 40.59
N ARG F 82 -46.37 -56.42 40.91
CA ARG F 82 -46.26 -54.99 40.66
C ARG F 82 -46.20 -54.25 42.00
N THR F 83 -45.08 -53.57 42.25
CA THR F 83 -44.89 -52.80 43.47
C THR F 83 -44.00 -51.60 43.17
N TRP F 84 -44.29 -50.48 43.83
CA TRP F 84 -43.54 -49.25 43.58
C TRP F 84 -42.27 -49.25 44.42
N ASP F 85 -41.13 -49.35 43.75
CA ASP F 85 -39.83 -49.26 44.40
C ASP F 85 -39.30 -47.83 44.25
N GLY F 86 -38.04 -47.63 44.67
CA GLY F 86 -37.43 -46.32 44.62
C GLY F 86 -37.20 -45.80 43.23
N TRP F 87 -37.92 -44.73 42.87
CA TRP F 87 -37.76 -44.02 41.59
C TRP F 87 -38.12 -44.89 40.39
N LEU F 88 -38.55 -46.14 40.63
CA LEU F 88 -38.91 -47.04 39.55
C LEU F 88 -39.87 -48.10 40.09
N CYS F 89 -40.97 -48.29 39.37
CA CYS F 89 -41.96 -49.31 39.70
C CYS F 89 -42.12 -50.26 38.52
N TRP F 90 -42.10 -51.56 38.82
CA TRP F 90 -42.16 -52.60 37.81
C TRP F 90 -43.50 -53.30 37.85
N ASP F 91 -43.71 -54.20 36.90
CA ASP F 91 -44.93 -54.97 36.78
C ASP F 91 -44.61 -56.46 36.85
N ASP F 92 -45.63 -57.28 36.59
CA ASP F 92 -45.46 -58.73 36.64
C ASP F 92 -44.47 -59.19 35.57
N THR F 93 -43.52 -60.02 35.97
CA THR F 93 -42.49 -60.53 35.09
C THR F 93 -42.22 -61.99 35.43
N PRO F 94 -41.84 -62.80 34.45
CA PRO F 94 -41.53 -64.21 34.73
C PRO F 94 -40.30 -64.35 35.60
N ALA F 95 -40.22 -65.49 36.28
CA ALA F 95 -39.10 -65.76 37.18
C ALA F 95 -37.82 -65.97 36.38
N GLY F 96 -36.75 -65.30 36.78
CA GLY F 96 -35.47 -65.41 36.11
C GLY F 96 -35.35 -64.51 34.90
N VAL F 97 -35.71 -63.24 35.07
CA VAL F 97 -35.65 -62.26 34.00
C VAL F 97 -34.94 -61.01 34.52
N LEU F 98 -34.01 -60.48 33.73
CA LEU F 98 -33.26 -59.27 34.07
C LEU F 98 -33.92 -58.10 33.34
N SER F 99 -34.77 -57.36 34.06
CA SER F 99 -35.48 -56.23 33.48
C SER F 99 -34.55 -55.04 33.36
N TYR F 100 -34.33 -54.58 32.12
CA TYR F 100 -33.49 -53.42 31.86
C TYR F 100 -34.37 -52.21 31.53
N GLN F 101 -34.01 -51.07 32.10
CA GLN F 101 -34.76 -49.84 31.88
C GLN F 101 -33.80 -48.66 31.97
N PHE F 102 -34.30 -47.47 31.61
CA PHE F 102 -33.49 -46.27 31.65
C PHE F 102 -33.32 -45.79 33.09
N CYS F 103 -32.13 -45.28 33.40
CA CYS F 103 -31.86 -44.78 34.74
C CYS F 103 -32.75 -43.56 35.02
N PRO F 104 -33.32 -43.46 36.23
CA PRO F 104 -34.11 -42.26 36.56
C PRO F 104 -33.20 -41.05 36.71
N ASP F 105 -33.58 -39.95 36.06
CA ASP F 105 -32.77 -38.74 36.04
C ASP F 105 -33.17 -37.74 37.13
N TYR F 106 -33.66 -38.22 38.28
CA TYR F 106 -34.02 -37.32 39.36
C TYR F 106 -32.79 -36.81 40.12
N PHE F 107 -31.80 -37.68 40.32
CA PHE F 107 -30.58 -37.29 41.01
C PHE F 107 -29.58 -36.67 40.03
N PRO F 108 -28.78 -35.70 40.49
CA PRO F 108 -27.77 -35.12 39.59
C PRO F 108 -26.67 -36.11 39.21
N ASP F 109 -26.35 -37.06 40.08
CA ASP F 109 -25.35 -38.07 39.74
C ASP F 109 -25.89 -39.08 38.73
N PHE F 110 -27.21 -39.28 38.73
CA PHE F 110 -27.83 -40.28 37.86
C PHE F 110 -27.92 -39.75 36.44
N ASP F 111 -27.48 -40.58 35.48
CA ASP F 111 -27.54 -40.24 34.07
C ASP F 111 -28.44 -41.24 33.36
N PRO F 112 -29.42 -40.77 32.57
CA PRO F 112 -30.37 -41.70 31.93
C PRO F 112 -29.83 -42.40 30.69
N SER F 113 -28.52 -42.34 30.44
CA SER F 113 -27.96 -42.99 29.26
C SER F 113 -27.75 -44.48 29.45
N GLU F 114 -27.52 -44.92 30.70
CA GLU F 114 -27.25 -46.32 30.99
C GLU F 114 -28.53 -47.04 31.40
N LYS F 115 -28.44 -48.37 31.44
CA LYS F 115 -29.56 -49.23 31.79
C LYS F 115 -29.43 -49.72 33.23
N VAL F 116 -30.55 -50.18 33.78
CA VAL F 116 -30.60 -50.68 35.14
C VAL F 116 -30.77 -52.20 35.10
N THR F 117 -30.53 -52.83 36.25
CA THR F 117 -30.69 -54.26 36.41
C THR F 117 -31.71 -54.54 37.50
N LYS F 118 -32.64 -55.45 37.22
CA LYS F 118 -33.67 -55.85 38.16
C LYS F 118 -33.90 -57.33 38.01
N TYR F 119 -33.47 -58.12 38.99
CA TYR F 119 -33.58 -59.57 38.93
C TYR F 119 -34.89 -60.02 39.57
N CYS F 120 -35.56 -60.96 38.92
CA CYS F 120 -36.81 -61.53 39.38
C CYS F 120 -36.64 -63.01 39.63
N ASP F 121 -37.12 -63.49 40.77
CA ASP F 121 -37.02 -64.90 41.13
C ASP F 121 -38.39 -65.56 41.12
N VAL F 125 -41.42 -62.99 42.67
CA VAL F 125 -40.56 -62.65 43.80
C VAL F 125 -39.34 -61.88 43.34
N TRP F 126 -39.34 -60.58 43.58
CA TRP F 126 -38.22 -59.73 43.19
C TRP F 126 -36.97 -60.08 44.00
N PHE F 127 -35.84 -59.58 43.53
CA PHE F 127 -34.56 -59.85 44.19
C PHE F 127 -34.55 -59.25 45.59
N LYS F 128 -34.12 -60.04 46.55
CA LYS F 128 -34.04 -59.63 47.95
C LYS F 128 -32.57 -59.44 48.33
N HIS F 129 -32.28 -58.37 49.04
CA HIS F 129 -30.91 -58.12 49.50
C HIS F 129 -30.50 -59.19 50.50
N PRO F 130 -29.33 -59.82 50.32
CA PRO F 130 -28.93 -60.91 51.23
C PRO F 130 -28.56 -60.43 52.63
N GLU F 131 -28.47 -59.12 52.87
CA GLU F 131 -28.04 -58.61 54.15
C GLU F 131 -29.11 -57.80 54.89
N ASN F 132 -30.13 -57.31 54.18
CA ASN F 132 -31.15 -56.47 54.80
C ASN F 132 -32.57 -56.95 54.59
N ASN F 133 -32.78 -58.02 53.82
CA ASN F 133 -34.11 -58.58 53.57
C ASN F 133 -35.05 -57.54 52.97
N ARG F 134 -34.51 -56.68 52.11
CA ARG F 134 -35.28 -55.62 51.46
C ARG F 134 -35.04 -55.66 49.96
N THR F 135 -36.06 -55.30 49.20
CA THR F 135 -35.93 -55.28 47.74
C THR F 135 -34.92 -54.23 47.30
N TRP F 136 -33.98 -54.65 46.46
CA TRP F 136 -32.91 -53.78 46.00
C TRP F 136 -32.64 -54.03 44.52
N SER F 137 -32.53 -52.94 43.76
CA SER F 137 -32.20 -53.01 42.35
C SER F 137 -30.79 -52.48 42.13
N ASN F 138 -30.12 -53.00 41.10
CA ASN F 138 -28.74 -52.62 40.82
C ASN F 138 -28.71 -51.27 40.10
N TYR F 139 -27.97 -50.32 40.66
CA TYR F 139 -27.91 -48.97 40.11
C TYR F 139 -26.47 -48.47 39.96
N THR F 140 -25.52 -49.36 39.68
CA THR F 140 -24.12 -48.93 39.56
C THR F 140 -23.91 -48.05 38.34
N MET F 141 -24.36 -48.51 37.17
CA MET F 141 -24.09 -47.80 35.93
C MET F 141 -24.69 -46.40 35.90
N CYS F 142 -25.75 -46.16 36.66
CA CYS F 142 -26.37 -44.83 36.67
C CYS F 142 -25.50 -43.81 37.38
N ASN F 143 -24.60 -44.27 38.26
CA ASN F 143 -23.77 -43.35 39.04
C ASN F 143 -22.82 -42.58 38.14
N ALA F 144 -22.51 -41.35 38.54
CA ALA F 144 -21.50 -40.55 37.84
C ALA F 144 -20.11 -41.09 38.16
N PHE F 145 -19.41 -41.53 37.12
CA PHE F 145 -18.12 -42.21 37.30
C PHE F 145 -17.09 -41.21 37.79
N THR F 146 -16.89 -41.16 39.11
CA THR F 146 -15.87 -40.28 39.66
C THR F 146 -14.45 -40.58 39.17
N PRO F 147 -14.03 -41.84 39.00
CA PRO F 147 -12.66 -42.06 38.51
C PRO F 147 -12.41 -41.54 37.11
N GLU F 148 -13.40 -41.57 36.21
CA GLU F 148 -13.17 -41.20 34.82
C GLU F 148 -14.00 -40.02 34.34
N LYS F 149 -15.32 -40.02 34.58
CA LYS F 149 -16.14 -38.91 34.14
C LYS F 149 -15.67 -37.59 34.75
N LEU F 150 -15.23 -37.62 36.00
CA LEU F 150 -14.62 -36.44 36.59
C LEU F 150 -13.20 -36.23 36.05
N LYS F 151 -12.50 -37.32 35.75
CA LYS F 151 -11.16 -37.21 35.18
C LYS F 151 -11.21 -36.59 33.79
N ASN F 152 -12.19 -37.02 32.97
CA ASN F 152 -12.35 -36.43 31.65
C ASN F 152 -12.71 -34.94 31.75
N ALA F 153 -13.42 -34.57 32.81
CA ALA F 153 -13.77 -33.16 33.00
C ALA F 153 -12.54 -32.33 33.34
N TYR F 154 -11.61 -32.90 34.11
CA TYR F 154 -10.44 -32.14 34.54
C TYR F 154 -9.50 -31.85 33.38
N VAL F 155 -9.40 -32.75 32.41
CA VAL F 155 -8.59 -32.47 31.22
C VAL F 155 -9.27 -31.46 30.32
N LEU F 156 -10.59 -31.30 30.42
CA LEU F 156 -11.27 -30.23 29.71
C LEU F 156 -11.28 -28.94 30.53
N TYR F 157 -11.23 -29.06 31.85
CA TYR F 157 -11.17 -27.87 32.70
C TYR F 157 -9.86 -27.13 32.52
N TYR F 158 -8.73 -27.85 32.60
CA TYR F 158 -7.43 -27.24 32.38
C TYR F 158 -7.20 -26.85 30.93
N LEU F 159 -7.98 -27.40 29.99
CA LEU F 159 -7.88 -26.98 28.60
C LEU F 159 -8.51 -25.61 28.38
N ALA F 160 -9.62 -25.32 29.09
CA ALA F 160 -10.27 -24.03 28.94
C ALA F 160 -9.43 -22.91 29.55
N ILE F 161 -8.78 -23.18 30.69
CA ILE F 161 -7.98 -22.15 31.33
C ILE F 161 -6.72 -21.87 30.51
N VAL F 162 -6.02 -22.92 30.08
CA VAL F 162 -4.84 -22.73 29.25
C VAL F 162 -5.23 -22.20 27.88
N GLY F 163 -6.39 -22.62 27.36
CA GLY F 163 -6.82 -22.14 26.06
C GLY F 163 -7.14 -20.66 26.06
N HIS F 164 -7.90 -20.21 27.07
CA HIS F 164 -8.25 -18.79 27.14
C HIS F 164 -7.06 -17.94 27.57
N SER F 165 -6.14 -18.50 28.36
CA SER F 165 -4.96 -17.74 28.78
C SER F 165 -4.06 -17.42 27.60
N LEU F 166 -3.77 -18.44 26.78
CA LEU F 166 -2.98 -18.20 25.57
C LEU F 166 -3.68 -17.24 24.63
N SER F 167 -5.02 -17.17 24.68
CA SER F 167 -5.75 -16.21 23.87
C SER F 167 -5.54 -14.79 24.38
N ILE F 168 -5.63 -14.60 25.70
CA ILE F 168 -5.47 -13.27 26.28
C ILE F 168 -4.10 -12.69 25.94
N PHE F 169 -3.06 -13.52 26.06
CA PHE F 169 -1.70 -13.04 25.81
C PHE F 169 -1.54 -12.54 24.38
N THR F 170 -1.97 -13.35 23.40
CA THR F 170 -1.82 -12.97 22.01
C THR F 170 -2.83 -11.92 21.56
N LEU F 171 -3.95 -11.77 22.28
CA LEU F 171 -4.94 -10.77 21.92
C LEU F 171 -4.67 -9.40 22.54
N VAL F 172 -3.91 -9.36 23.64
CA VAL F 172 -3.48 -8.08 24.19
C VAL F 172 -2.32 -7.51 23.38
N ILE F 173 -1.40 -8.38 22.98
CA ILE F 173 -0.28 -7.95 22.13
C ILE F 173 -0.81 -7.48 20.77
N SER F 174 -1.70 -8.27 20.17
CA SER F 174 -2.26 -7.90 18.88
C SER F 174 -3.08 -6.63 18.96
N LEU F 175 -3.78 -6.41 20.08
CA LEU F 175 -4.56 -5.19 20.23
C LEU F 175 -3.66 -3.97 20.39
N GLY F 176 -2.48 -4.14 21.00
CA GLY F 176 -1.57 -3.03 21.15
C GLY F 176 -0.91 -2.62 19.84
N ILE F 177 -0.67 -3.58 18.95
CA ILE F 177 -0.05 -3.26 17.67
C ILE F 177 -1.00 -2.44 16.80
N PHE F 178 -2.30 -2.64 16.95
CA PHE F 178 -3.28 -1.96 16.11
C PHE F 178 -3.71 -0.60 16.67
N VAL F 179 -3.37 -0.30 17.93
CA VAL F 179 -3.64 1.00 18.51
C VAL F 179 -2.41 1.90 18.48
N PHE F 180 -1.23 1.34 18.72
CA PHE F 180 0.00 2.12 18.69
C PHE F 180 0.39 2.48 17.26
N PHE F 181 0.58 1.46 16.42
CA PHE F 181 0.95 1.67 15.02
C PHE F 181 -0.25 2.24 14.28
N ARG F 182 -0.25 3.57 14.08
CA ARG F 182 -1.39 4.23 13.45
C ARG F 182 -1.39 4.08 11.93
N SER F 183 -0.25 3.68 11.34
CA SER F 183 -0.22 3.46 9.89
C SER F 183 -1.07 2.28 9.46
N LEU F 184 -1.33 1.33 10.36
CA LEU F 184 -2.21 0.21 10.09
C LEU F 184 -3.67 0.53 10.33
N GLY F 185 -3.99 1.77 10.71
CA GLY F 185 -5.36 2.12 11.02
C GLY F 185 -6.22 2.17 9.77
N CYS F 186 -7.33 1.46 9.80
CA CYS F 186 -8.28 1.45 8.69
C CYS F 186 -9.62 0.94 9.22
N GLN F 187 -10.63 0.96 8.34
CA GLN F 187 -11.96 0.51 8.74
C GLN F 187 -12.01 -0.99 8.99
N ARG F 188 -11.07 -1.75 8.42
CA ARG F 188 -10.99 -3.18 8.73
C ARG F 188 -10.35 -3.43 10.09
N VAL F 189 -9.35 -2.63 10.46
CA VAL F 189 -8.72 -2.78 11.76
C VAL F 189 -9.61 -2.27 12.88
N THR F 190 -10.39 -1.22 12.62
CA THR F 190 -11.30 -0.68 13.63
C THR F 190 -12.27 -1.75 14.12
N LEU F 191 -12.80 -2.56 13.20
CA LEU F 191 -13.66 -3.66 13.61
C LEU F 191 -12.85 -4.80 14.23
N HIS F 192 -11.61 -4.99 13.76
CA HIS F 192 -10.78 -6.05 14.34
C HIS F 192 -10.36 -5.73 15.77
N LYS F 193 -10.20 -4.44 16.10
CA LYS F 193 -9.89 -4.07 17.47
C LYS F 193 -11.09 -4.33 18.39
N ASN F 194 -12.30 -4.05 17.91
CA ASN F 194 -13.49 -4.40 18.69
C ASN F 194 -13.70 -5.90 18.74
N MET F 195 -13.30 -6.62 17.69
CA MET F 195 -13.35 -8.07 17.71
C MET F 195 -12.34 -8.64 18.70
N PHE F 196 -11.18 -7.99 18.83
CA PHE F 196 -10.18 -8.47 19.78
C PHE F 196 -10.61 -8.20 21.21
N LEU F 197 -11.23 -7.05 21.47
CA LEU F 197 -11.60 -6.70 22.83
C LEU F 197 -12.68 -7.62 23.38
N THR F 198 -13.72 -7.88 22.59
CA THR F 198 -14.78 -8.79 23.04
C THR F 198 -14.26 -10.21 23.22
N TYR F 199 -13.14 -10.56 22.61
CA TYR F 199 -12.51 -11.85 22.88
C TYR F 199 -11.81 -11.86 24.23
N ILE F 200 -11.14 -10.74 24.56
CA ILE F 200 -10.44 -10.66 25.84
C ILE F 200 -11.43 -10.62 27.00
N LEU F 201 -12.46 -9.78 26.89
CA LEU F 201 -13.44 -9.67 27.96
C LEU F 201 -14.21 -10.96 28.15
N ASN F 202 -14.52 -11.67 27.06
CA ASN F 202 -15.23 -12.94 27.18
C ASN F 202 -14.33 -14.00 27.81
N SER F 203 -13.07 -14.04 27.42
CA SER F 203 -12.13 -15.02 27.97
C SER F 203 -11.62 -14.63 29.35
N MET F 204 -11.94 -13.43 29.84
CA MET F 204 -11.62 -13.05 31.20
C MET F 204 -12.73 -13.40 32.17
N ILE F 205 -13.99 -13.27 31.74
CA ILE F 205 -15.12 -13.65 32.59
C ILE F 205 -15.22 -15.17 32.68
N ILE F 206 -14.89 -15.87 31.61
CA ILE F 206 -14.91 -17.33 31.63
C ILE F 206 -13.92 -17.85 32.67
N ILE F 207 -12.71 -17.30 32.67
CA ILE F 207 -11.71 -17.68 33.66
C ILE F 207 -12.18 -17.31 35.06
N ILE F 208 -12.78 -16.13 35.21
CA ILE F 208 -13.31 -15.72 36.51
C ILE F 208 -14.45 -16.63 36.93
N HIS F 209 -15.31 -16.99 35.99
CA HIS F 209 -16.45 -17.84 36.31
C HIS F 209 -16.03 -19.27 36.62
N LEU F 210 -15.00 -19.78 35.93
CA LEU F 210 -14.62 -21.18 36.06
C LEU F 210 -13.68 -21.46 37.22
N VAL F 211 -13.31 -20.46 38.01
CA VAL F 211 -12.46 -20.66 39.17
C VAL F 211 -13.19 -20.38 40.48
N GLU F 212 -14.06 -19.38 40.54
CA GLU F 212 -14.73 -19.03 41.78
C GLU F 212 -16.11 -19.66 41.87
N VAL F 213 -16.89 -19.58 40.79
CA VAL F 213 -18.28 -20.04 40.85
C VAL F 213 -18.38 -21.55 40.69
N VAL F 214 -17.76 -22.09 39.65
CA VAL F 214 -17.97 -23.48 39.25
C VAL F 214 -17.34 -24.46 40.25
N PRO F 215 -16.03 -24.37 40.58
CA PRO F 215 -15.43 -25.42 41.41
C PRO F 215 -15.81 -25.32 42.88
N ASN F 216 -16.62 -24.33 43.24
CA ASN F 216 -17.04 -24.10 44.62
C ASN F 216 -18.50 -24.53 44.76
N GLY F 217 -18.73 -25.77 45.19
CA GLY F 217 -20.08 -26.23 45.41
C GLY F 217 -20.73 -25.62 46.63
N GLU F 218 -19.93 -25.26 47.63
CA GLU F 218 -20.48 -24.63 48.83
C GLU F 218 -21.04 -23.25 48.52
N LEU F 219 -20.33 -22.47 47.70
CA LEU F 219 -20.80 -21.13 47.35
C LEU F 219 -22.04 -21.20 46.48
N VAL F 220 -22.12 -22.21 45.60
CA VAL F 220 -23.32 -22.39 44.79
C VAL F 220 -24.50 -22.81 45.66
N ARG F 221 -24.25 -23.65 46.66
CA ARG F 221 -25.30 -24.01 47.61
C ARG F 221 -25.77 -22.79 48.39
N ARG F 222 -24.85 -21.87 48.69
CA ARG F 222 -25.22 -20.63 49.36
C ARG F 222 -26.12 -19.77 48.47
N ASP F 223 -25.93 -19.84 47.16
CA ASP F 223 -26.75 -19.15 46.16
C ASP F 223 -26.77 -17.64 46.40
N PRO F 224 -25.67 -16.93 46.16
CA PRO F 224 -25.69 -15.48 46.30
C PRO F 224 -26.15 -14.81 45.02
N VAL F 225 -26.47 -13.52 45.15
CA VAL F 225 -26.79 -12.71 43.97
C VAL F 225 -25.54 -12.49 43.14
N SER F 226 -24.35 -12.50 43.76
CA SER F 226 -23.11 -12.37 43.02
C SER F 226 -22.96 -13.50 42.00
N CYS F 227 -23.54 -14.66 42.29
CA CYS F 227 -23.58 -15.75 41.31
C CYS F 227 -24.34 -15.33 40.06
N LYS F 228 -25.44 -14.59 40.24
CA LYS F 228 -26.31 -14.26 39.11
C LYS F 228 -25.70 -13.15 38.25
N ILE F 229 -25.13 -12.12 38.89
CA ILE F 229 -24.64 -10.97 38.13
C ILE F 229 -23.44 -11.38 37.28
N LEU F 230 -22.65 -12.36 37.73
CA LEU F 230 -21.54 -12.83 36.92
C LEU F 230 -22.05 -13.66 35.74
N HIS F 231 -23.11 -14.44 35.95
CA HIS F 231 -23.71 -15.18 34.85
C HIS F 231 -24.34 -14.24 33.84
N PHE F 232 -24.89 -13.12 34.30
CA PHE F 232 -25.44 -12.13 33.39
C PHE F 232 -24.35 -11.43 32.59
N PHE F 233 -23.23 -11.10 33.25
CA PHE F 233 -22.11 -10.50 32.55
C PHE F 233 -21.44 -11.49 31.60
N HIS F 234 -21.60 -12.79 31.85
CA HIS F 234 -21.06 -13.80 30.94
C HIS F 234 -21.94 -13.96 29.71
N GLN F 235 -23.26 -14.11 29.91
CA GLN F 235 -24.17 -14.27 28.77
C GLN F 235 -24.15 -13.06 27.87
N TYR F 236 -24.05 -11.86 28.45
CA TYR F 236 -23.93 -10.65 27.64
C TYR F 236 -22.61 -10.63 26.87
N MET F 237 -21.51 -10.92 27.56
CA MET F 237 -20.20 -10.93 26.89
C MET F 237 -20.09 -12.08 25.90
N MET F 238 -20.80 -13.18 26.13
CA MET F 238 -20.79 -14.29 25.17
C MET F 238 -21.62 -13.96 23.95
N ALA F 239 -22.73 -13.25 24.12
CA ALA F 239 -23.53 -12.83 22.98
C ALA F 239 -22.84 -11.75 22.17
N CYS F 240 -22.17 -10.82 22.86
CA CYS F 240 -21.41 -9.79 22.16
C CYS F 240 -20.24 -10.38 21.39
N ASN F 241 -19.66 -11.47 21.89
CA ASN F 241 -18.58 -12.13 21.18
C ASN F 241 -19.09 -12.85 19.93
N TYR F 242 -20.33 -13.33 19.96
CA TYR F 242 -20.90 -14.00 18.81
C TYR F 242 -21.46 -13.01 17.80
N PHE F 243 -22.14 -11.97 18.27
CA PHE F 243 -22.71 -10.98 17.36
C PHE F 243 -21.65 -10.11 16.71
N TRP F 244 -20.45 -10.04 17.28
CA TRP F 244 -19.36 -9.33 16.61
C TRP F 244 -18.72 -10.17 15.51
N MET F 245 -18.82 -11.49 15.59
CA MET F 245 -18.46 -12.32 14.44
C MET F 245 -19.40 -12.08 13.28
N LEU F 246 -20.66 -11.71 13.58
CA LEU F 246 -21.58 -11.34 12.51
C LEU F 246 -21.24 -9.98 11.92
N CYS F 247 -20.82 -9.04 12.77
CA CYS F 247 -20.41 -7.74 12.26
C CYS F 247 -19.19 -7.85 11.37
N GLU F 248 -18.23 -8.71 11.75
CA GLU F 248 -17.09 -8.97 10.88
C GLU F 248 -17.52 -9.61 9.57
N GLY F 249 -18.57 -10.42 9.59
CA GLY F 249 -19.06 -11.07 8.41
C GLY F 249 -19.87 -10.14 7.52
N ILE F 250 -20.74 -9.32 8.12
CA ILE F 250 -21.54 -8.39 7.35
C ILE F 250 -20.65 -7.37 6.66
N TYR F 251 -19.61 -6.90 7.34
CA TYR F 251 -18.70 -5.92 6.74
C TYR F 251 -17.86 -6.57 5.65
N LEU F 252 -17.29 -7.74 5.93
CA LEU F 252 -16.50 -8.45 4.91
C LEU F 252 -17.35 -8.82 3.71
N HIS F 253 -18.64 -9.08 3.92
CA HIS F 253 -19.52 -9.39 2.81
C HIS F 253 -19.76 -8.18 1.92
N THR F 254 -19.74 -6.98 2.50
CA THR F 254 -19.96 -5.77 1.71
C THR F 254 -18.73 -5.36 0.92
N LEU F 255 -17.53 -5.66 1.42
CA LEU F 255 -16.32 -5.30 0.68
C LEU F 255 -16.14 -6.19 -0.54
N ILE F 256 -16.58 -7.45 -0.46
CA ILE F 256 -16.26 -8.43 -1.49
C ILE F 256 -17.45 -8.67 -2.41
N VAL F 257 -18.67 -8.62 -1.88
CA VAL F 257 -19.82 -9.07 -2.63
C VAL F 257 -20.79 -7.93 -2.96
N VAL F 258 -21.37 -7.33 -1.93
CA VAL F 258 -22.48 -6.40 -2.09
C VAL F 258 -21.97 -4.97 -1.91
N ALA F 259 -22.14 -4.15 -2.95
CA ALA F 259 -21.78 -2.74 -2.92
C ALA F 259 -20.29 -2.56 -2.61
N VAL F 260 -19.46 -3.08 -3.52
CA VAL F 260 -18.02 -3.00 -3.37
C VAL F 260 -17.53 -1.57 -3.61
N PHE F 261 -18.19 -0.83 -4.50
CA PHE F 261 -17.73 0.50 -4.87
C PHE F 261 -17.94 1.50 -3.74
N THR F 262 -19.14 1.53 -3.17
CA THR F 262 -19.44 2.51 -2.12
C THR F 262 -18.56 2.26 -0.90
N GLU F 263 -18.16 3.35 -0.25
CA GLU F 263 -17.32 3.31 0.93
C GLU F 263 -18.05 3.97 2.10
N LYS F 264 -17.30 4.24 3.16
CA LYS F 264 -17.81 4.91 4.36
C LYS F 264 -18.97 4.11 4.97
N GLN F 265 -18.69 2.84 5.23
CA GLN F 265 -19.66 1.98 5.92
C GLN F 265 -19.79 2.46 7.36
N ARG F 266 -20.97 2.99 7.70
CA ARG F 266 -21.17 3.65 8.99
C ARG F 266 -20.96 2.67 10.14
N LEU F 267 -19.90 2.90 10.91
CA LEU F 267 -19.56 2.03 12.03
C LEU F 267 -20.54 2.14 13.19
N ARG F 268 -21.42 3.14 13.18
CA ARG F 268 -22.40 3.28 14.25
C ARG F 268 -23.36 2.09 14.27
N TRP F 269 -23.66 1.53 13.10
CA TRP F 269 -24.55 0.37 13.04
C TRP F 269 -23.85 -0.89 13.53
N TYR F 270 -22.53 -0.99 13.33
CA TYR F 270 -21.80 -2.13 13.87
C TYR F 270 -21.71 -2.07 15.39
N TYR F 271 -21.55 -0.88 15.95
CA TYR F 271 -21.51 -0.73 17.40
C TYR F 271 -22.85 -1.08 18.03
N LEU F 272 -23.94 -0.65 17.39
CA LEU F 272 -25.27 -1.01 17.90
C LEU F 272 -25.54 -2.49 17.77
N LEU F 273 -25.05 -3.12 16.71
CA LEU F 273 -25.25 -4.55 16.52
C LEU F 273 -24.29 -5.38 17.37
N GLY F 274 -23.04 -4.91 17.49
CA GLY F 274 -22.06 -5.70 18.23
C GLY F 274 -22.25 -5.62 19.73
N TRP F 275 -22.43 -4.40 20.25
CA TRP F 275 -22.56 -4.19 21.69
C TRP F 275 -23.99 -3.95 22.15
N GLY F 276 -24.77 -3.19 21.38
CA GLY F 276 -26.10 -2.79 21.80
C GLY F 276 -27.14 -3.88 21.73
N PHE F 277 -27.25 -4.55 20.58
CA PHE F 277 -28.30 -5.54 20.41
C PHE F 277 -28.18 -6.74 21.34
N PRO F 278 -26.98 -7.34 21.58
CA PRO F 278 -26.91 -8.52 22.47
C PRO F 278 -27.54 -8.31 23.85
N LEU F 279 -27.68 -7.05 24.26
CA LEU F 279 -28.34 -6.77 25.53
C LEU F 279 -29.84 -7.05 25.47
N VAL F 280 -30.45 -6.92 24.29
CA VAL F 280 -31.90 -7.10 24.18
C VAL F 280 -32.34 -8.51 24.55
N PRO F 281 -31.79 -9.58 23.96
CA PRO F 281 -32.21 -10.92 24.39
C PRO F 281 -31.58 -11.38 25.69
N THR F 282 -30.57 -10.67 26.20
CA THR F 282 -29.95 -11.04 27.47
C THR F 282 -30.85 -10.66 28.65
N THR F 283 -31.35 -9.42 28.66
CA THR F 283 -32.25 -9.00 29.73
C THR F 283 -33.58 -9.76 29.67
N ILE F 284 -34.04 -10.10 28.47
CA ILE F 284 -35.27 -10.88 28.36
C ILE F 284 -35.07 -12.27 28.98
N HIS F 285 -33.92 -12.89 28.73
CA HIS F 285 -33.65 -14.20 29.30
C HIS F 285 -33.37 -14.11 30.79
N ALA F 286 -32.55 -13.12 31.19
CA ALA F 286 -32.18 -12.98 32.59
C ALA F 286 -33.39 -12.70 33.48
N ILE F 287 -34.37 -11.95 32.96
CA ILE F 287 -35.58 -11.67 33.74
C ILE F 287 -36.42 -12.93 33.86
N THR F 288 -36.79 -13.52 32.71
CA THR F 288 -37.62 -14.73 32.73
C THR F 288 -36.95 -15.89 33.45
N ARG F 289 -35.62 -15.86 33.58
CA ARG F 289 -34.94 -16.88 34.35
C ARG F 289 -35.28 -16.76 35.83
N ALA F 290 -35.09 -15.57 36.40
CA ALA F 290 -35.34 -15.39 37.83
C ALA F 290 -36.82 -15.49 38.16
N VAL F 291 -37.70 -15.23 37.19
CA VAL F 291 -39.14 -15.25 37.48
C VAL F 291 -39.68 -16.67 37.53
N TYR F 292 -39.27 -17.53 36.59
CA TYR F 292 -39.90 -18.85 36.46
C TYR F 292 -38.90 -19.92 36.84
N PHE F 293 -37.75 -20.03 36.18
CA PHE F 293 -36.81 -21.13 36.42
C PHE F 293 -35.56 -20.59 37.09
N ASN F 294 -35.62 -20.49 38.42
CA ASN F 294 -34.53 -19.95 39.21
C ASN F 294 -33.75 -21.10 39.85
N ASP F 295 -32.50 -21.26 39.43
CA ASP F 295 -31.61 -22.26 40.03
C ASP F 295 -30.33 -21.56 40.49
N ASN F 296 -29.53 -22.29 41.27
CA ASN F 296 -28.36 -21.70 41.91
C ASN F 296 -27.34 -21.23 40.86
N CYS F 297 -27.04 -19.93 40.89
CA CYS F 297 -26.07 -19.30 39.99
C CYS F 297 -26.41 -19.46 38.51
N TRP F 298 -27.65 -19.85 38.20
CA TRP F 298 -28.13 -19.95 36.82
C TRP F 298 -27.24 -20.87 35.97
N LEU F 299 -26.65 -21.89 36.61
CA LEU F 299 -25.74 -22.77 35.88
C LEU F 299 -26.50 -23.78 35.03
N SER F 300 -27.68 -24.20 35.49
CA SER F 300 -28.44 -25.22 34.78
C SER F 300 -28.84 -24.74 33.39
N VAL F 301 -28.71 -25.63 32.41
CA VAL F 301 -29.04 -25.34 31.02
C VAL F 301 -30.27 -26.12 30.56
N GLU F 302 -30.99 -26.75 31.48
CA GLU F 302 -32.19 -27.48 31.12
C GLU F 302 -33.33 -26.56 30.71
N THR F 303 -33.19 -25.25 30.95
CA THR F 303 -34.26 -24.32 30.65
C THR F 303 -34.45 -24.17 29.14
N HIS F 304 -35.71 -24.05 28.71
CA HIS F 304 -36.00 -23.66 27.34
C HIS F 304 -35.87 -22.16 27.13
N LEU F 305 -35.93 -21.38 28.21
CA LEU F 305 -35.76 -19.94 28.11
C LEU F 305 -34.35 -19.54 27.70
N LEU F 306 -33.39 -20.47 27.76
CA LEU F 306 -32.04 -20.18 27.30
C LEU F 306 -31.94 -20.05 25.79
N TYR F 307 -32.98 -20.45 25.05
CA TYR F 307 -33.01 -20.25 23.61
C TYR F 307 -33.30 -18.81 23.22
N ILE F 308 -33.60 -17.95 24.19
CA ILE F 308 -33.78 -16.52 23.89
C ILE F 308 -32.47 -15.89 23.49
N ILE F 309 -31.35 -16.41 24.01
CA ILE F 309 -30.02 -15.95 23.63
C ILE F 309 -29.46 -16.80 22.50
N HIS F 310 -29.40 -18.12 22.69
CA HIS F 310 -28.79 -19.02 21.72
C HIS F 310 -29.64 -19.25 20.49
N GLY F 311 -30.85 -18.70 20.44
CA GLY F 311 -31.66 -18.74 19.25
C GLY F 311 -31.18 -17.74 18.23
N PRO F 312 -31.23 -16.45 18.59
CA PRO F 312 -30.64 -15.44 17.69
C PRO F 312 -29.14 -15.61 17.49
N VAL F 313 -28.44 -16.14 18.49
CA VAL F 313 -27.00 -16.38 18.34
C VAL F 313 -26.75 -17.41 17.25
N MET F 314 -27.51 -18.50 17.26
CA MET F 314 -27.37 -19.50 16.20
C MET F 314 -27.80 -18.94 14.85
N ALA F 315 -28.87 -18.16 14.83
CA ALA F 315 -29.33 -17.54 13.58
C ALA F 315 -28.30 -16.55 13.05
N ALA F 316 -27.64 -15.82 13.95
CA ALA F 316 -26.61 -14.87 13.51
C ALA F 316 -25.41 -15.60 12.93
N LEU F 317 -25.04 -16.75 13.51
CA LEU F 317 -23.91 -17.51 13.00
C LEU F 317 -24.24 -18.27 11.73
N VAL F 318 -25.52 -18.63 11.53
CA VAL F 318 -25.93 -19.25 10.28
C VAL F 318 -25.77 -18.27 9.12
N VAL F 319 -26.11 -17.00 9.34
CA VAL F 319 -25.90 -15.98 8.32
C VAL F 319 -24.43 -15.86 7.98
N ASN F 320 -23.56 -15.96 8.99
CA ASN F 320 -22.12 -15.96 8.73
C ASN F 320 -21.70 -17.14 7.89
N PHE F 321 -22.38 -18.28 8.03
CA PHE F 321 -22.07 -19.44 7.18
C PHE F 321 -22.47 -19.18 5.74
N PHE F 322 -23.62 -18.52 5.52
CA PHE F 322 -24.03 -18.15 4.18
C PHE F 322 -23.23 -16.98 3.61
N PHE F 323 -22.53 -16.24 4.46
CA PHE F 323 -21.58 -15.25 3.97
C PHE F 323 -20.29 -15.89 3.49
N LEU F 324 -19.83 -16.92 4.21
CA LEU F 324 -18.66 -17.67 3.77
C LEU F 324 -18.89 -18.37 2.44
N LEU F 325 -20.14 -18.73 2.13
CA LEU F 325 -20.43 -19.35 0.83
C LEU F 325 -20.39 -18.32 -0.30
N ASN F 326 -20.88 -17.10 -0.05
CA ASN F 326 -20.82 -16.07 -1.07
C ASN F 326 -19.39 -15.58 -1.27
N ILE F 327 -18.62 -15.47 -0.18
CA ILE F 327 -17.24 -15.00 -0.29
C ILE F 327 -16.38 -16.02 -1.01
N VAL F 328 -16.56 -17.32 -0.69
CA VAL F 328 -15.82 -18.36 -1.36
C VAL F 328 -16.28 -18.52 -2.81
N ARG F 329 -17.48 -18.07 -3.14
CA ARG F 329 -17.94 -18.12 -4.53
C ARG F 329 -17.31 -17.02 -5.37
N VAL F 330 -16.89 -15.92 -4.75
CA VAL F 330 -16.24 -14.85 -5.49
C VAL F 330 -14.76 -15.14 -5.68
N LEU F 331 -14.12 -15.74 -4.69
CA LEU F 331 -12.68 -16.02 -4.80
C LEU F 331 -12.40 -17.03 -5.90
N VAL F 332 -13.31 -17.99 -6.12
CA VAL F 332 -13.13 -18.93 -7.22
C VAL F 332 -13.45 -18.27 -8.56
N THR F 333 -14.47 -17.41 -8.58
CA THR F 333 -14.78 -16.67 -9.80
C THR F 333 -13.64 -15.73 -10.19
N LYS F 334 -13.02 -15.07 -9.22
CA LYS F 334 -11.88 -14.21 -9.52
C LYS F 334 -10.66 -15.02 -9.93
N MET F 335 -10.60 -16.30 -9.62
CA MET F 335 -9.55 -17.18 -10.09
C MET F 335 -9.89 -17.84 -11.41
N ARG F 336 -11.13 -17.69 -11.89
CA ARG F 336 -11.53 -18.20 -13.20
C ARG F 336 -11.48 -17.13 -14.29
N GLU F 337 -11.35 -15.85 -13.91
CA GLU F 337 -11.11 -14.80 -14.88
C GLU F 337 -9.63 -14.67 -15.24
N THR F 338 -8.76 -15.41 -14.56
CA THR F 338 -7.33 -15.40 -14.83
C THR F 338 -6.82 -16.77 -15.29
N HIS F 339 -7.63 -17.82 -15.15
CA HIS F 339 -7.28 -19.18 -15.54
C HIS F 339 -6.03 -19.66 -14.78
N GLU F 340 -6.16 -19.72 -13.46
CA GLU F 340 -5.09 -20.24 -12.61
C GLU F 340 -5.12 -21.75 -12.62
N ALA F 341 -3.95 -22.35 -12.38
CA ALA F 341 -3.85 -23.80 -12.35
C ALA F 341 -4.68 -24.37 -11.21
N GLU F 342 -5.45 -25.42 -11.51
CA GLU F 342 -6.32 -26.02 -10.50
C GLU F 342 -5.52 -26.62 -9.34
N SER F 343 -4.24 -26.91 -9.53
CA SER F 343 -3.39 -27.33 -8.42
C SER F 343 -3.22 -26.21 -7.39
N HIS F 344 -3.44 -24.96 -7.79
CA HIS F 344 -3.33 -23.82 -6.89
C HIS F 344 -4.67 -23.19 -6.54
N MET F 345 -5.65 -23.21 -7.44
CA MET F 345 -6.95 -22.64 -7.14
C MET F 345 -7.61 -23.35 -5.96
N TYR F 346 -7.41 -24.65 -5.84
CA TYR F 346 -7.94 -25.40 -4.70
C TYR F 346 -7.02 -25.35 -3.48
N LEU F 347 -5.85 -24.73 -3.60
CA LEU F 347 -4.96 -24.57 -2.46
C LEU F 347 -5.19 -23.25 -1.73
N LYS F 348 -5.48 -22.18 -2.47
CA LYS F 348 -5.77 -20.90 -1.85
C LYS F 348 -7.23 -20.79 -1.43
N ALA F 349 -8.10 -21.67 -1.92
CA ALA F 349 -9.51 -21.62 -1.54
C ALA F 349 -9.71 -22.20 -0.14
N VAL F 350 -9.11 -23.36 0.13
CA VAL F 350 -9.25 -23.96 1.46
C VAL F 350 -8.53 -23.13 2.50
N LYS F 351 -7.41 -22.49 2.13
CA LYS F 351 -6.71 -21.63 3.08
C LYS F 351 -7.49 -20.35 3.34
N ALA F 352 -8.25 -19.87 2.34
CA ALA F 352 -9.12 -18.73 2.58
C ALA F 352 -10.30 -19.12 3.47
N THR F 353 -10.87 -20.30 3.24
CA THR F 353 -11.94 -20.79 4.09
C THR F 353 -11.42 -21.08 5.50
N MET F 354 -10.19 -21.58 5.60
CA MET F 354 -9.63 -21.93 6.90
C MET F 354 -9.42 -20.70 7.78
N ILE F 355 -8.92 -19.61 7.21
CA ILE F 355 -8.66 -18.41 7.98
C ILE F 355 -9.91 -17.60 8.28
N LEU F 356 -11.02 -17.91 7.60
CA LEU F 356 -12.28 -17.20 7.86
C LEU F 356 -13.16 -17.93 8.86
N VAL F 357 -12.87 -19.18 9.18
CA VAL F 357 -13.66 -19.95 10.14
C VAL F 357 -13.52 -19.37 11.55
N PRO F 358 -12.30 -19.13 12.07
CA PRO F 358 -12.21 -18.56 13.42
C PRO F 358 -12.78 -17.15 13.51
N LEU F 359 -12.65 -16.35 12.45
CA LEU F 359 -13.18 -15.00 12.48
C LEU F 359 -14.70 -14.99 12.50
N LEU F 360 -15.32 -15.78 11.63
CA LEU F 360 -16.78 -15.81 11.51
C LEU F 360 -17.43 -16.85 12.42
N GLY F 361 -16.63 -17.68 13.10
CA GLY F 361 -17.18 -18.69 13.98
C GLY F 361 -18.03 -19.72 13.27
N ILE F 362 -17.46 -20.38 12.27
CA ILE F 362 -18.22 -21.36 11.49
C ILE F 362 -18.29 -22.71 12.21
N GLN F 363 -17.39 -22.97 13.16
CA GLN F 363 -17.41 -24.25 13.87
C GLN F 363 -18.70 -24.46 14.66
N PHE F 364 -19.42 -23.39 14.97
CA PHE F 364 -20.71 -23.53 15.63
C PHE F 364 -21.83 -23.88 14.67
N VAL F 365 -21.60 -23.79 13.36
CA VAL F 365 -22.63 -24.06 12.37
C VAL F 365 -22.37 -25.41 11.71
N VAL F 366 -21.09 -25.76 11.55
CA VAL F 366 -20.74 -27.04 10.95
C VAL F 366 -20.70 -28.17 11.98
N PHE F 367 -20.66 -27.85 13.27
CA PHE F 367 -20.81 -28.84 14.34
C PHE F 367 -21.88 -28.37 15.32
N PRO F 368 -23.13 -28.20 14.85
CA PRO F 368 -24.13 -27.59 15.74
C PRO F 368 -24.61 -28.49 16.85
N TRP F 369 -24.83 -29.77 16.57
CA TRP F 369 -25.38 -30.70 17.53
C TRP F 369 -24.35 -31.74 17.93
N ARG F 370 -24.41 -32.16 19.19
CA ARG F 370 -23.49 -33.17 19.71
C ARG F 370 -24.01 -34.56 19.41
N PRO F 371 -23.18 -35.47 18.92
CA PRO F 371 -23.66 -36.82 18.60
C PRO F 371 -24.10 -37.58 19.84
N SER F 372 -24.93 -38.59 19.60
CA SER F 372 -25.47 -39.45 20.65
C SER F 372 -24.58 -40.65 20.96
N ASN F 373 -23.51 -40.86 20.18
CA ASN F 373 -22.61 -41.98 20.39
C ASN F 373 -21.54 -41.63 21.40
N LYS F 374 -21.10 -42.63 22.18
CA LYS F 374 -20.09 -42.41 23.21
C LYS F 374 -18.71 -42.17 22.65
N MET F 375 -18.45 -42.52 21.39
CA MET F 375 -17.15 -42.30 20.77
C MET F 375 -17.11 -41.04 19.91
N LEU F 376 -18.15 -40.81 19.10
CA LEU F 376 -18.21 -39.57 18.34
C LEU F 376 -18.42 -38.37 19.25
N GLY F 377 -19.18 -38.55 20.32
CA GLY F 377 -19.39 -37.45 21.26
C GLY F 377 -18.16 -37.10 22.06
N LYS F 378 -17.34 -38.09 22.41
CA LYS F 378 -16.13 -37.84 23.17
C LYS F 378 -15.13 -37.00 22.37
N ILE F 379 -14.92 -37.37 21.11
CA ILE F 379 -14.01 -36.60 20.27
C ILE F 379 -14.62 -35.24 19.94
N TYR F 380 -15.95 -35.19 19.79
CA TYR F 380 -16.63 -33.91 19.57
C TYR F 380 -16.35 -32.94 20.70
N ASP F 381 -16.33 -33.43 21.95
CA ASP F 381 -16.02 -32.57 23.08
C ASP F 381 -14.57 -32.06 23.01
N TYR F 382 -13.67 -32.91 22.50
CA TYR F 382 -12.26 -32.53 22.45
C TYR F 382 -12.00 -31.51 21.34
N VAL F 383 -12.58 -31.73 20.16
CA VAL F 383 -12.30 -30.85 19.03
C VAL F 383 -13.00 -29.51 19.20
N MET F 384 -14.24 -29.52 19.70
CA MET F 384 -14.98 -28.27 19.85
C MET F 384 -14.40 -27.41 20.96
N HIS F 385 -14.07 -28.00 22.11
CA HIS F 385 -13.49 -27.24 23.20
C HIS F 385 -12.19 -26.58 22.79
N SER F 386 -11.37 -27.30 22.02
CA SER F 386 -10.14 -26.70 21.51
C SER F 386 -10.44 -25.56 20.54
N LEU F 387 -11.49 -25.70 19.72
CA LEU F 387 -11.83 -24.66 18.76
C LEU F 387 -12.43 -23.44 19.47
N ILE F 388 -13.32 -23.67 20.44
CA ILE F 388 -14.00 -22.56 21.10
C ILE F 388 -13.03 -21.79 22.00
N HIS F 389 -12.17 -22.51 22.72
CA HIS F 389 -11.29 -21.86 23.69
C HIS F 389 -10.11 -21.19 23.02
N PHE F 390 -9.56 -21.80 21.98
CA PHE F 390 -8.43 -21.23 21.25
C PHE F 390 -8.85 -20.35 20.09
N GLN F 391 -10.14 -20.02 19.98
CA GLN F 391 -10.60 -19.19 18.87
C GLN F 391 -9.99 -17.80 18.94
N GLY F 392 -9.91 -17.22 20.14
CA GLY F 392 -9.29 -15.92 20.28
C GLY F 392 -7.81 -15.95 19.93
N PHE F 393 -7.14 -17.06 20.23
CA PHE F 393 -5.72 -17.19 19.90
C PHE F 393 -5.53 -17.36 18.40
N PHE F 394 -6.46 -18.05 17.73
CA PHE F 394 -6.33 -18.27 16.30
C PHE F 394 -6.56 -16.99 15.50
N VAL F 395 -7.41 -16.09 16.00
CA VAL F 395 -7.69 -14.86 15.28
C VAL F 395 -6.52 -13.87 15.41
N ALA F 396 -5.93 -13.79 16.61
CA ALA F 396 -4.81 -12.88 16.81
C ALA F 396 -3.58 -13.29 16.00
N THR F 397 -3.39 -14.59 15.80
CA THR F 397 -2.23 -15.06 15.04
C THR F 397 -2.41 -14.81 13.55
N ILE F 398 -3.58 -15.16 13.01
CA ILE F 398 -3.78 -15.08 11.56
C ILE F 398 -3.89 -13.64 11.10
N TYR F 399 -4.66 -12.81 11.81
CA TYR F 399 -4.99 -11.48 11.34
C TYR F 399 -4.02 -10.40 11.81
N CYS F 400 -3.18 -10.69 12.81
CA CYS F 400 -2.19 -9.73 13.26
C CYS F 400 -0.76 -10.22 13.08
N PHE F 401 -0.44 -11.41 13.56
CA PHE F 401 0.93 -11.90 13.47
C PHE F 401 1.29 -12.32 12.05
N CYS F 402 0.40 -13.07 11.40
CA CYS F 402 0.64 -13.57 10.05
C CYS F 402 0.15 -12.62 8.97
N ASN F 403 -0.08 -11.36 9.30
CA ASN F 403 -0.47 -10.36 8.32
C ASN F 403 0.79 -9.73 7.75
N ASN F 404 0.94 -9.81 6.42
CA ASN F 404 2.16 -9.29 5.79
C ASN F 404 2.28 -7.79 5.98
N GLU F 405 1.15 -7.07 5.99
CA GLU F 405 1.21 -5.64 6.20
C GLU F 405 1.74 -5.31 7.59
N VAL F 406 1.26 -6.03 8.61
CA VAL F 406 1.76 -5.80 9.97
C VAL F 406 3.19 -6.29 10.10
N GLN F 407 3.54 -7.35 9.37
CA GLN F 407 4.88 -7.93 9.51
C GLN F 407 5.95 -7.00 8.97
N THR F 408 5.75 -6.46 7.77
CA THR F 408 6.77 -5.60 7.15
C THR F 408 6.94 -4.26 7.83
N THR F 409 5.94 -3.80 8.59
CA THR F 409 6.11 -2.54 9.32
C THR F 409 6.86 -2.74 10.63
N VAL F 410 6.47 -3.76 11.41
CA VAL F 410 7.15 -4.00 12.68
C VAL F 410 8.61 -4.38 12.44
N LYS F 411 8.92 -4.98 11.28
CA LYS F 411 10.32 -5.22 10.93
C LYS F 411 11.04 -3.93 10.59
N ARG F 412 10.32 -2.86 10.23
CA ARG F 412 10.95 -1.58 9.95
C ARG F 412 11.18 -0.78 11.21
N GLN F 413 10.13 -0.62 12.03
CA GLN F 413 10.25 0.19 13.25
C GLN F 413 11.17 -0.46 14.27
N TRP F 414 11.12 -1.79 14.40
CA TRP F 414 11.95 -2.47 15.38
C TRP F 414 13.43 -2.37 15.02
N ALA F 415 13.75 -2.50 13.73
CA ALA F 415 15.15 -2.37 13.32
C ALA F 415 15.65 -0.95 13.53
N GLN F 416 14.81 0.05 13.25
CA GLN F 416 15.19 1.44 13.49
C GLN F 416 15.31 1.73 14.98
N PHE F 417 14.32 1.30 15.76
CA PHE F 417 14.34 1.53 17.20
C PHE F 417 14.54 0.24 17.97
#